data_3LHP
#
_entry.id   3LHP
#
_cell.length_a   52.977
_cell.length_b   88.623
_cell.length_c   149.997
_cell.angle_alpha   90.00
_cell.angle_beta   90.00
_cell.angle_gamma   90.00
#
_symmetry.space_group_name_H-M   'P 21 21 21'
#
loop_
_entity.id
_entity.type
_entity.pdbx_description
1 polymer 'Fv 4E10 heavy chain'
2 polymer 'Fv 4E10 light chain'
3 polymer '4E10_D0_1ISEA_004_N (T93)'
4 non-polymer 1,2-ETHANEDIOL
5 water water
#
loop_
_entity_poly.entity_id
_entity_poly.type
_entity_poly.pdbx_seq_one_letter_code
_entity_poly.pdbx_strand_id
1 'polypeptide(L)'
;GSQVQLVQSGAEVKRPGSSVTVSCKASGGSFSTYALSWVRQAPGRGLEWMGGVIPLLTITNYAPRFQGRITITADRSTST
AYLELNSLRPEDTAVYYCAREGTTGAGWLGKPIGAFAHWGQGTLVTVSSLEHHHHHH
;
H,I
2 'polypeptide(L)'
;MAEIVLTQSPGTQSLSPGERATLSCRASQSVGNNKLAWYQQRPGQAPRLLIYGASSRPSGVADRFSGSGSGTDFTLTISR
LEPEDFAVYYCQQYGQSLSTFGQGTKVEVKLVPR
;
L,M
3 'polypeptide(L)'
;HHHHHHGSISDIRKDAEVRMDKAVEAFKNKLDKFKAAVRKVFPTEERIKDWLKIVRGEAEQARVAVRNVGRDANDKAAAL
GKDKEINWFDISQSLWDVQKLTDAAIKKIEAALADMEAWLTQG
;
S,T
#
loop_
_chem_comp.id
_chem_comp.type
_chem_comp.name
_chem_comp.formula
EDO non-polymer 1,2-ETHANEDIOL 'C2 H6 O2'
#
# COMPACT_ATOMS: atom_id res chain seq x y z
N VAL A 4 -30.87 -10.32 -1.73
CA VAL A 4 -29.87 -10.96 -2.63
C VAL A 4 -28.92 -11.86 -1.84
N GLN A 5 -28.82 -13.13 -2.24
CA GLN A 5 -27.93 -14.08 -1.58
C GLN A 5 -27.02 -14.76 -2.61
N LEU A 6 -25.73 -14.80 -2.31
CA LEU A 6 -24.79 -15.50 -3.17
C LEU A 6 -24.32 -16.71 -2.40
N VAL A 7 -24.31 -17.86 -3.07
CA VAL A 7 -23.84 -19.09 -2.47
C VAL A 7 -22.76 -19.73 -3.34
N GLN A 8 -21.62 -20.03 -2.73
CA GLN A 8 -20.44 -20.51 -3.46
C GLN A 8 -20.27 -22.01 -3.37
N SER A 9 -19.46 -22.57 -4.27
CA SER A 9 -19.11 -23.99 -4.21
C SER A 9 -18.14 -24.24 -3.07
N GLY A 10 -17.92 -25.53 -2.80
CA GLY A 10 -17.17 -25.96 -1.63
C GLY A 10 -15.66 -25.90 -1.79
N ALA A 11 -14.96 -26.09 -0.67
CA ALA A 11 -13.50 -26.09 -0.65
C ALA A 11 -12.93 -27.11 -1.62
N GLU A 12 -11.74 -26.83 -2.12
CA GLU A 12 -11.14 -27.69 -3.13
C GLU A 12 -9.63 -27.65 -3.00
N VAL A 13 -9.01 -28.82 -2.94
CA VAL A 13 -7.56 -28.97 -2.84
C VAL A 13 -7.00 -29.35 -4.21
N LYS A 14 -6.10 -28.53 -4.72
CA LYS A 14 -5.57 -28.72 -6.07
C LYS A 14 -4.04 -28.78 -6.10
N ARG A 15 -3.52 -29.54 -7.06
CA ARG A 15 -2.07 -29.62 -7.33
C ARG A 15 -1.66 -28.53 -8.34
N PRO A 16 -0.37 -28.10 -8.32
CA PRO A 16 0.11 -27.11 -9.28
C PRO A 16 -0.13 -27.55 -10.71
N GLY A 17 -0.58 -26.63 -11.55
CA GLY A 17 -0.81 -26.92 -12.96
C GLY A 17 -2.23 -27.32 -13.27
N SER A 18 -2.97 -27.72 -12.24
CA SER A 18 -4.39 -28.04 -12.36
C SER A 18 -5.20 -26.76 -12.60
N SER A 19 -6.43 -26.91 -13.09
CA SER A 19 -7.39 -25.79 -13.15
C SER A 19 -8.41 -25.92 -12.03
N VAL A 20 -8.93 -24.79 -11.51
CA VAL A 20 -10.04 -24.80 -10.57
C VAL A 20 -11.23 -24.02 -11.15
N THR A 21 -12.44 -24.54 -10.93
CA THR A 21 -13.65 -23.87 -11.38
C THR A 21 -14.58 -23.59 -10.19
N VAL A 22 -14.68 -22.33 -9.80
CA VAL A 22 -15.56 -21.96 -8.70
C VAL A 22 -16.91 -21.44 -9.24
N SER A 23 -18.00 -21.92 -8.63
CA SER A 23 -19.37 -21.60 -9.01
C SER A 23 -19.99 -20.67 -7.97
N CYS A 24 -20.88 -19.78 -8.41
CA CYS A 24 -21.55 -18.83 -7.50
C CYS A 24 -22.96 -18.51 -7.96
N LYS A 25 -23.96 -18.96 -7.21
CA LYS A 25 -25.37 -18.87 -7.60
C LYS A 25 -26.07 -17.74 -6.88
N ALA A 26 -26.63 -16.79 -7.64
CA ALA A 26 -27.46 -15.75 -7.06
C ALA A 26 -28.82 -16.36 -6.69
N SER A 27 -29.19 -16.26 -5.41
CA SER A 27 -30.50 -16.69 -4.93
C SER A 27 -31.26 -15.42 -4.60
N GLY A 28 -32.47 -15.28 -5.13
CA GLY A 28 -33.21 -14.01 -5.08
C GLY A 28 -32.64 -13.02 -6.08
N GLY A 29 -33.18 -11.81 -6.09
CA GLY A 29 -32.68 -10.72 -6.94
C GLY A 29 -32.77 -10.90 -8.47
N SER A 30 -32.53 -9.82 -9.19
CA SER A 30 -32.36 -9.87 -10.65
C SER A 30 -30.89 -10.17 -10.94
N PHE A 31 -30.64 -10.91 -12.02
CA PHE A 31 -29.31 -11.49 -12.28
C PHE A 31 -28.70 -11.06 -13.61
N SER A 32 -29.49 -11.10 -14.67
CA SER A 32 -28.97 -10.85 -16.00
C SER A 32 -28.14 -9.56 -16.09
N THR A 33 -28.59 -8.52 -15.40
CA THR A 33 -28.14 -7.15 -15.65
C THR A 33 -27.17 -6.55 -14.63
N TYR A 34 -26.76 -7.29 -13.61
CA TYR A 34 -25.88 -6.73 -12.57
C TYR A 34 -24.50 -7.36 -12.57
N ALA A 35 -23.48 -6.52 -12.43
CA ALA A 35 -22.09 -6.92 -12.58
C ALA A 35 -21.64 -7.85 -11.46
N LEU A 36 -21.14 -9.03 -11.81
CA LEU A 36 -20.64 -9.99 -10.83
C LEU A 36 -19.11 -10.07 -10.86
N SER A 37 -18.45 -9.76 -9.74
CA SER A 37 -17.00 -9.82 -9.67
C SER A 37 -16.49 -10.97 -8.79
N TRP A 38 -15.32 -11.48 -9.13
CA TRP A 38 -14.60 -12.45 -8.30
C TRP A 38 -13.48 -11.69 -7.64
N VAL A 39 -13.17 -12.06 -6.40
CA VAL A 39 -12.23 -11.31 -5.56
C VAL A 39 -11.63 -12.33 -4.61
N ARG A 40 -10.30 -12.36 -4.51
CA ARG A 40 -9.66 -13.36 -3.66
C ARG A 40 -8.86 -12.80 -2.49
N GLN A 41 -8.50 -13.68 -1.54
CA GLN A 41 -7.75 -13.29 -0.34
C GLN A 41 -6.86 -14.40 0.20
N ALA A 42 -5.57 -14.33 -0.11
CA ALA A 42 -4.59 -15.31 0.36
C ALA A 42 -4.48 -15.26 1.88
N PRO A 43 -4.14 -16.39 2.52
CA PRO A 43 -4.10 -16.45 3.98
C PRO A 43 -3.45 -15.23 4.61
N GLY A 44 -4.20 -14.58 5.50
CA GLY A 44 -3.67 -13.42 6.27
C GLY A 44 -3.32 -12.17 5.48
N ARG A 45 -3.77 -12.08 4.22
CA ARG A 45 -3.38 -10.98 3.34
C ARG A 45 -4.59 -10.13 2.91
N GLY A 46 -4.35 -9.15 2.05
CA GLY A 46 -5.40 -8.28 1.52
C GLY A 46 -6.32 -8.92 0.48
N LEU A 47 -7.47 -8.25 0.29
CA LEU A 47 -8.40 -8.56 -0.79
C LEU A 47 -7.77 -8.14 -2.08
N GLU A 48 -7.99 -8.91 -3.13
CA GLU A 48 -7.57 -8.52 -4.48
C GLU A 48 -8.59 -8.92 -5.55
N TRP A 49 -8.92 -7.93 -6.37
CA TRP A 49 -9.90 -8.06 -7.42
C TRP A 49 -9.28 -8.79 -8.59
N MET A 50 -10.00 -9.76 -9.13
CA MET A 50 -9.51 -10.61 -10.18
C MET A 50 -10.15 -10.28 -11.53
N GLY A 51 -11.44 -10.00 -11.52
CA GLY A 51 -12.19 -9.78 -12.74
C GLY A 51 -13.68 -9.93 -12.47
N GLY A 52 -14.47 -9.73 -13.50
CA GLY A 52 -15.92 -9.85 -13.39
C GLY A 52 -16.62 -10.05 -14.73
N VAL A 53 -17.93 -10.18 -14.67
CA VAL A 53 -18.76 -10.37 -15.83
C VAL A 53 -20.15 -9.81 -15.57
N ILE A 54 -20.69 -9.08 -16.54
CA ILE A 54 -22.13 -8.80 -16.62
C ILE A 54 -22.75 -9.89 -17.46
N PRO A 55 -23.64 -10.70 -16.88
CA PRO A 55 -24.23 -11.87 -17.54
C PRO A 55 -25.05 -11.69 -18.83
N LEU A 56 -25.82 -10.63 -18.95
CA LEU A 56 -26.71 -10.47 -20.10
C LEU A 56 -26.03 -10.82 -21.44
N LEU A 57 -24.84 -10.28 -21.68
CA LEU A 57 -24.07 -10.67 -22.87
C LEU A 57 -22.63 -11.07 -22.51
N THR A 58 -22.46 -11.65 -21.34
CA THR A 58 -21.14 -12.14 -20.91
C THR A 58 -20.10 -11.07 -21.16
N ILE A 59 -20.30 -9.90 -20.57
CA ILE A 59 -19.43 -8.77 -20.77
C ILE A 59 -18.35 -8.87 -19.72
N THR A 60 -17.19 -9.39 -20.12
CA THR A 60 -16.14 -9.72 -19.17
C THR A 60 -15.09 -8.60 -19.01
N ASN A 61 -14.37 -8.68 -17.90
CA ASN A 61 -13.35 -7.69 -17.52
C ASN A 61 -12.28 -8.35 -16.65
N TYR A 62 -11.11 -8.61 -17.21
CA TYR A 62 -10.08 -9.35 -16.51
C TYR A 62 -8.98 -8.41 -16.05
N ALA A 63 -8.44 -8.70 -14.88
CA ALA A 63 -7.31 -7.98 -14.37
C ALA A 63 -6.10 -8.42 -15.19
N PRO A 64 -5.33 -7.47 -15.74
CA PRO A 64 -4.22 -7.83 -16.62
C PRO A 64 -3.31 -8.93 -16.05
N ARG A 65 -3.14 -8.97 -14.73
CA ARG A 65 -2.20 -9.92 -14.13
C ARG A 65 -2.67 -11.40 -14.24
N PHE A 66 -3.98 -11.60 -14.44
CA PHE A 66 -4.55 -12.94 -14.67
C PHE A 66 -4.85 -13.25 -16.13
N GLN A 67 -4.88 -12.22 -16.98
CA GLN A 67 -5.18 -12.44 -18.38
C GLN A 67 -4.26 -13.53 -18.91
N GLY A 68 -4.86 -14.54 -19.52
CA GLY A 68 -4.14 -15.72 -19.98
C GLY A 68 -4.43 -16.92 -19.10
N ARG A 69 -4.90 -16.69 -17.88
CA ARG A 69 -5.27 -17.78 -16.98
C ARG A 69 -6.74 -17.83 -16.60
N ILE A 70 -7.49 -16.78 -16.88
CA ILE A 70 -8.81 -16.60 -16.29
C ILE A 70 -9.94 -16.67 -17.33
N THR A 71 -11.06 -17.22 -16.90
CA THR A 71 -12.28 -17.21 -17.71
C THR A 71 -13.50 -17.06 -16.79
N ILE A 72 -14.34 -16.06 -17.11
CA ILE A 72 -15.55 -15.82 -16.32
C ILE A 72 -16.78 -15.92 -17.22
N THR A 73 -17.74 -16.75 -16.81
CA THR A 73 -18.99 -16.92 -17.55
C THR A 73 -20.18 -17.00 -16.60
N ALA A 74 -21.37 -16.82 -17.15
CA ALA A 74 -22.60 -16.91 -16.37
C ALA A 74 -23.66 -17.67 -17.16
N ASP A 75 -24.39 -18.54 -16.48
CA ASP A 75 -25.53 -19.21 -17.08
C ASP A 75 -26.77 -18.47 -16.62
N ARG A 76 -27.49 -17.86 -17.54
CA ARG A 76 -28.62 -16.99 -17.18
C ARG A 76 -29.82 -17.72 -16.57
N SER A 77 -30.13 -18.94 -17.02
CA SER A 77 -31.32 -19.63 -16.50
C SER A 77 -31.17 -20.02 -15.01
N THR A 78 -29.95 -20.37 -14.60
CA THR A 78 -29.65 -20.84 -13.24
C THR A 78 -29.04 -19.79 -12.32
N SER A 79 -29.10 -18.52 -12.73
CA SER A 79 -28.46 -17.42 -12.00
C SER A 79 -27.07 -17.74 -11.46
N THR A 80 -26.26 -18.51 -12.19
CA THR A 80 -24.95 -18.95 -11.69
C THR A 80 -23.80 -18.33 -12.48
N ALA A 81 -22.85 -17.72 -11.78
CA ALA A 81 -21.60 -17.20 -12.36
C ALA A 81 -20.45 -18.16 -12.07
N TYR A 82 -19.42 -18.08 -12.91
CA TYR A 82 -18.32 -19.07 -12.92
C TYR A 82 -16.97 -18.44 -13.01
N LEU A 83 -16.04 -18.90 -12.17
CA LEU A 83 -14.62 -18.57 -12.31
C LEU A 83 -13.81 -19.81 -12.58
N GLU A 84 -13.16 -19.84 -13.74
CA GLU A 84 -12.21 -20.89 -14.09
C GLU A 84 -10.82 -20.26 -14.03
N LEU A 85 -9.98 -20.81 -13.16
CA LEU A 85 -8.60 -20.36 -12.97
C LEU A 85 -7.68 -21.48 -13.41
N ASN A 86 -6.88 -21.24 -14.44
CA ASN A 86 -6.00 -22.28 -14.98
C ASN A 86 -4.58 -22.15 -14.53
N SER A 87 -3.82 -23.23 -14.72
CA SER A 87 -2.37 -23.26 -14.44
C SER A 87 -2.05 -22.77 -13.03
N LEU A 88 -2.64 -23.43 -12.04
CA LEU A 88 -2.50 -23.04 -10.64
C LEU A 88 -1.09 -23.14 -10.10
N ARG A 89 -0.84 -22.35 -9.07
CA ARG A 89 0.47 -22.21 -8.43
C ARG A 89 0.21 -21.95 -6.94
N PRO A 90 1.15 -22.33 -6.06
CA PRO A 90 0.94 -22.09 -4.62
C PRO A 90 0.52 -20.65 -4.27
N GLU A 91 1.00 -19.66 -5.01
CA GLU A 91 0.55 -18.29 -4.78
C GLU A 91 -0.95 -18.11 -5.00
N ASP A 92 -1.59 -19.04 -5.70
CA ASP A 92 -3.03 -18.99 -5.93
C ASP A 92 -3.86 -19.54 -4.76
N THR A 93 -3.17 -19.86 -3.67
CA THR A 93 -3.82 -20.33 -2.45
C THR A 93 -4.47 -19.14 -1.80
N ALA A 94 -5.80 -19.12 -1.87
CA ALA A 94 -6.57 -18.07 -1.23
C ALA A 94 -7.99 -18.50 -1.06
N VAL A 95 -8.74 -17.67 -0.36
CA VAL A 95 -10.19 -17.74 -0.32
C VAL A 95 -10.68 -16.90 -1.49
N TYR A 96 -11.54 -17.46 -2.33
CA TYR A 96 -12.10 -16.75 -3.50
C TYR A 96 -13.55 -16.37 -3.24
N TYR A 97 -13.83 -15.08 -3.12
CA TYR A 97 -15.19 -14.57 -2.89
C TYR A 97 -15.80 -14.14 -4.20
N CYS A 98 -17.06 -14.50 -4.47
CA CYS A 98 -17.84 -13.84 -5.54
C CYS A 98 -18.61 -12.70 -4.87
N ALA A 99 -18.66 -11.55 -5.54
CA ALA A 99 -19.28 -10.35 -4.98
C ALA A 99 -20.03 -9.61 -6.05
N ARG A 100 -21.23 -9.17 -5.73
CA ARG A 100 -22.06 -8.51 -6.72
C ARG A 100 -22.37 -7.08 -6.32
N GLU A 101 -22.46 -6.23 -7.32
CA GLU A 101 -22.71 -4.83 -7.12
C GLU A 101 -24.08 -4.63 -6.49
N GLY A 102 -24.21 -3.53 -5.76
CA GLY A 102 -25.45 -3.16 -5.08
C GLY A 102 -26.28 -2.19 -5.90
N THR A 103 -27.54 -2.07 -5.54
CA THR A 103 -28.46 -1.17 -6.20
C THR A 103 -28.79 -0.02 -5.26
N THR A 104 -29.45 1.01 -5.77
CA THR A 104 -29.93 2.11 -4.93
C THR A 104 -31.34 1.76 -4.48
N GLY A 105 -31.58 1.79 -3.18
CA GLY A 105 -32.83 1.28 -2.63
C GLY A 105 -32.75 -0.23 -2.43
N LEU A 109 -34.47 -4.90 -8.19
CA LEU A 109 -33.93 -4.05 -9.25
C LEU A 109 -33.98 -2.57 -8.81
N GLY A 110 -32.85 -1.89 -9.02
CA GLY A 110 -32.66 -0.49 -8.69
C GLY A 110 -31.35 -0.11 -9.36
N LYS A 111 -31.04 1.17 -9.39
CA LYS A 111 -29.86 1.66 -10.12
C LYS A 111 -28.54 1.00 -9.63
N PRO A 112 -27.67 0.57 -10.55
CA PRO A 112 -26.42 -0.08 -10.10
C PRO A 112 -25.42 0.91 -9.48
N ILE A 113 -24.70 0.49 -8.44
CA ILE A 113 -23.79 1.37 -7.70
C ILE A 113 -22.28 1.07 -7.84
N GLY A 114 -21.93 -0.09 -8.40
CA GLY A 114 -20.54 -0.50 -8.56
C GLY A 114 -19.95 -1.20 -7.35
N ALA A 115 -20.02 -0.54 -6.19
CA ALA A 115 -19.53 -1.11 -4.95
C ALA A 115 -20.15 -2.49 -4.72
N PHE A 116 -19.40 -3.43 -4.18
CA PHE A 116 -19.94 -4.78 -3.97
C PHE A 116 -20.77 -4.86 -2.71
N ALA A 117 -22.09 -4.77 -2.84
CA ALA A 117 -22.97 -4.84 -1.66
C ALA A 117 -23.16 -6.26 -1.16
N HIS A 118 -23.02 -7.22 -2.05
CA HIS A 118 -23.38 -8.62 -1.76
C HIS A 118 -22.19 -9.51 -1.97
N TRP A 119 -21.96 -10.38 -1.00
CA TRP A 119 -20.77 -11.21 -1.00
C TRP A 119 -21.14 -12.65 -0.78
N GLY A 120 -20.45 -13.56 -1.46
CA GLY A 120 -20.61 -14.98 -1.20
C GLY A 120 -19.81 -15.38 0.02
N GLN A 121 -19.92 -16.64 0.45
CA GLN A 121 -19.20 -17.09 1.69
C GLN A 121 -17.72 -17.44 1.44
N GLY A 122 -17.25 -17.23 0.22
CA GLY A 122 -15.88 -17.53 -0.16
C GLY A 122 -15.65 -19.01 -0.40
N THR A 123 -14.74 -19.33 -1.30
CA THR A 123 -14.34 -20.72 -1.49
C THR A 123 -12.83 -20.86 -1.35
N LEU A 124 -12.43 -21.71 -0.43
CA LEU A 124 -11.02 -22.01 -0.18
C LEU A 124 -10.42 -22.90 -1.27
N VAL A 125 -9.43 -22.36 -1.96
CA VAL A 125 -8.63 -23.15 -2.89
C VAL A 125 -7.22 -23.19 -2.32
N THR A 126 -6.80 -24.38 -1.93
CA THR A 126 -5.44 -24.64 -1.48
C THR A 126 -4.68 -25.35 -2.59
N VAL A 127 -3.65 -24.71 -3.12
CA VAL A 127 -2.75 -25.36 -4.08
C VAL A 127 -1.57 -25.94 -3.31
N SER A 128 -1.57 -27.26 -3.19
CA SER A 128 -0.62 -27.96 -2.31
C SER A 128 0.28 -28.84 -3.13
N SER A 129 1.58 -28.62 -3.01
CA SER A 129 2.59 -29.46 -3.66
C SER A 129 2.49 -30.87 -3.08
N LEU A 130 2.11 -30.94 -1.80
CA LEU A 130 1.85 -32.21 -1.08
C LEU A 130 0.66 -32.97 -1.66
N VAL B 4 32.94 -6.72 12.65
CA VAL B 4 31.68 -5.99 12.90
C VAL B 4 30.49 -6.94 12.86
N GLN B 5 30.05 -7.45 14.02
CA GLN B 5 28.93 -8.42 14.08
C GLN B 5 27.91 -8.15 15.19
N LEU B 6 26.70 -8.71 15.04
CA LEU B 6 25.66 -8.66 16.08
C LEU B 6 25.03 -10.04 16.28
N VAL B 7 24.75 -10.38 17.54
CA VAL B 7 24.31 -11.73 17.92
C VAL B 7 23.30 -11.64 19.07
N GLN B 8 22.11 -12.22 18.88
CA GLN B 8 21.00 -11.99 19.82
C GLN B 8 20.92 -13.02 20.94
N SER B 9 20.01 -12.79 21.89
CA SER B 9 19.62 -13.84 22.83
C SER B 9 18.75 -14.86 22.10
N GLY B 10 18.46 -15.96 22.79
CA GLY B 10 17.78 -17.11 22.22
C GLY B 10 16.27 -17.05 22.31
N ALA B 11 15.64 -18.12 21.80
CA ALA B 11 14.19 -18.25 21.66
C ALA B 11 13.45 -18.02 22.98
N GLU B 12 12.26 -17.44 22.88
CA GLU B 12 11.44 -17.12 24.04
C GLU B 12 10.01 -17.63 23.88
N VAL B 13 9.43 -18.10 24.98
CA VAL B 13 8.04 -18.60 25.03
C VAL B 13 7.25 -17.93 26.16
N LYS B 14 6.88 -16.67 25.97
CA LYS B 14 6.16 -15.90 26.98
C LYS B 14 4.66 -16.16 26.98
N ARG B 15 4.05 -15.96 28.15
CA ARG B 15 2.62 -16.11 28.31
C ARG B 15 1.97 -14.76 28.03
N PRO B 16 0.75 -14.78 27.47
CA PRO B 16 0.14 -13.53 27.06
C PRO B 16 0.08 -12.62 28.27
N GLY B 17 0.57 -11.40 28.10
CA GLY B 17 0.60 -10.46 29.20
C GLY B 17 1.98 -10.30 29.80
N SER B 18 2.86 -11.29 29.62
CA SER B 18 4.24 -11.15 30.08
C SER B 18 4.98 -10.12 29.23
N SER B 19 6.06 -9.57 29.78
CA SER B 19 6.96 -8.69 29.05
C SER B 19 8.07 -9.52 28.37
N VAL B 20 8.80 -8.91 27.43
CA VAL B 20 9.93 -9.57 26.77
C VAL B 20 11.16 -8.65 26.73
N THR B 21 12.34 -9.25 26.85
CA THR B 21 13.60 -8.49 26.84
C THR B 21 14.63 -9.21 26.00
N VAL B 22 14.71 -8.83 24.72
CA VAL B 22 15.64 -9.46 23.76
C VAL B 22 16.99 -8.73 23.71
N SER B 23 18.07 -9.50 23.90
CA SER B 23 19.42 -8.97 23.83
C SER B 23 19.93 -8.93 22.40
N CYS B 24 20.80 -7.96 22.11
CA CYS B 24 21.53 -7.91 20.84
C CYS B 24 22.97 -7.46 21.09
N LYS B 25 23.89 -8.41 21.12
CA LYS B 25 25.29 -8.13 21.44
C LYS B 25 26.11 -7.80 20.20
N ALA B 26 26.86 -6.70 20.25
CA ALA B 26 27.67 -6.22 19.11
C ALA B 26 29.17 -6.46 19.32
N SER B 27 29.87 -6.84 18.25
CA SER B 27 31.31 -7.13 18.31
C SER B 27 32.14 -6.23 17.38
N GLY B 28 32.83 -5.26 17.97
CA GLY B 28 33.68 -4.34 17.22
C GLY B 28 32.90 -3.17 16.61
N GLY B 29 33.61 -2.08 16.34
CA GLY B 29 33.00 -0.92 15.69
C GLY B 29 32.40 0.09 16.66
N SER B 30 32.08 1.27 16.15
CA SER B 30 31.63 2.37 16.97
C SER B 30 30.25 2.09 17.50
N PHE B 31 30.18 1.31 18.58
CA PHE B 31 28.90 1.01 19.24
C PHE B 31 28.14 2.31 19.48
N SER B 32 28.78 3.22 20.21
CA SER B 32 28.20 4.51 20.63
C SER B 32 27.56 5.37 19.52
N THR B 33 28.23 5.48 18.37
CA THR B 33 27.91 6.55 17.40
C THR B 33 26.88 6.18 16.31
N TYR B 34 26.41 4.93 16.28
CA TYR B 34 25.55 4.43 15.19
C TYR B 34 24.18 3.87 15.60
N ALA B 35 23.16 4.15 14.78
CA ALA B 35 21.77 3.83 15.11
C ALA B 35 21.48 2.32 15.16
N LEU B 36 21.32 1.81 16.38
CA LEU B 36 20.91 0.43 16.58
C LEU B 36 19.40 0.35 16.49
N SER B 37 18.91 0.19 15.27
CA SER B 37 17.47 0.02 15.02
C SER B 37 17.04 -1.39 15.35
N TRP B 38 15.76 -1.53 15.72
CA TRP B 38 15.15 -2.82 16.02
C TRP B 38 14.01 -3.03 15.02
N VAL B 39 13.94 -4.23 14.47
CA VAL B 39 13.06 -4.52 13.34
C VAL B 39 12.55 -5.95 13.43
N ARG B 40 11.23 -6.14 13.34
CA ARG B 40 10.66 -7.46 13.59
C ARG B 40 9.92 -8.05 12.41
N GLN B 41 9.79 -9.37 12.42
CA GLN B 41 9.11 -10.15 11.39
C GLN B 41 8.26 -11.27 12.02
N ALA B 42 6.94 -11.16 11.87
CA ALA B 42 6.02 -12.23 12.22
C ALA B 42 6.19 -13.38 11.23
N PRO B 43 5.88 -14.63 11.67
CA PRO B 43 6.08 -15.82 10.84
C PRO B 43 5.32 -15.79 9.53
N GLY B 44 6.07 -15.80 8.41
CA GLY B 44 5.48 -15.77 7.08
C GLY B 44 5.11 -14.38 6.59
N ARG B 45 5.40 -13.37 7.39
CA ARG B 45 5.02 -12.01 7.05
C ARG B 45 6.28 -11.16 6.87
N GLY B 46 6.09 -9.89 6.53
CA GLY B 46 7.17 -9.01 6.14
C GLY B 46 7.91 -8.33 7.28
N LEU B 47 8.95 -7.60 6.91
CA LEU B 47 9.72 -6.81 7.87
C LEU B 47 8.86 -5.67 8.37
N GLU B 48 8.92 -5.41 9.67
CA GLU B 48 8.24 -4.28 10.28
C GLU B 48 9.19 -3.54 11.20
N TRP B 49 9.41 -2.26 10.94
CA TRP B 49 10.31 -1.44 11.73
C TRP B 49 9.63 -0.91 12.99
N MET B 50 10.24 -1.16 14.14
CA MET B 50 9.64 -0.82 15.43
C MET B 50 10.17 0.48 15.99
N GLY B 51 11.49 0.56 16.08
CA GLY B 51 12.17 1.70 16.69
C GLY B 51 13.68 1.54 16.67
N GLY B 52 14.38 2.61 17.02
CA GLY B 52 15.84 2.62 16.99
C GLY B 52 16.47 3.63 17.93
N VAL B 53 17.72 3.39 18.30
CA VAL B 53 18.42 4.23 19.27
C VAL B 53 19.85 4.53 18.84
N ILE B 54 20.22 5.82 18.80
CA ILE B 54 21.60 6.25 18.63
C ILE B 54 22.20 6.29 20.01
N PRO B 55 22.98 5.27 20.38
CA PRO B 55 23.24 5.05 21.80
C PRO B 55 24.21 6.04 22.49
N LEU B 56 24.78 7.00 21.75
CA LEU B 56 25.76 7.95 22.31
C LEU B 56 25.16 8.82 23.40
N LEU B 57 24.14 9.61 23.05
CA LEU B 57 23.35 10.37 24.03
C LEU B 57 21.89 9.85 24.02
N THR B 58 21.76 8.53 23.95
CA THR B 58 20.50 7.78 24.11
C THR B 58 19.24 8.37 23.43
N ILE B 59 19.42 8.76 22.17
CA ILE B 59 18.35 9.40 21.38
C ILE B 59 17.45 8.31 20.82
N THR B 60 16.16 8.37 21.16
CA THR B 60 15.21 7.32 20.77
C THR B 60 14.17 7.82 19.75
N ASN B 61 13.63 6.87 18.99
CA ASN B 61 12.66 7.15 17.94
C ASN B 61 11.76 5.93 17.71
N TYR B 62 10.57 5.96 18.31
CA TYR B 62 9.64 4.84 18.31
C TYR B 62 8.52 5.01 17.27
N ALA B 63 8.15 3.92 16.61
CA ALA B 63 7.02 3.93 15.69
C ALA B 63 5.73 4.06 16.52
N PRO B 64 4.80 4.94 16.11
CA PRO B 64 3.51 5.14 16.81
C PRO B 64 2.82 3.85 17.28
N ARG B 65 2.75 2.85 16.40
CA ARG B 65 2.11 1.58 16.74
C ARG B 65 2.57 0.99 18.08
N PHE B 66 3.85 1.21 18.42
CA PHE B 66 4.46 0.64 19.64
C PHE B 66 4.66 1.63 20.80
N GLN B 67 4.46 2.92 20.53
CA GLN B 67 4.52 3.92 21.59
C GLN B 67 3.47 3.60 22.64
N GLY B 68 3.88 3.68 23.91
CA GLY B 68 3.02 3.33 25.03
C GLY B 68 3.46 2.05 25.72
N ARG B 69 4.08 1.14 24.96
CA ARG B 69 4.48 -0.16 25.51
C ARG B 69 5.91 -0.60 25.15
N ILE B 70 6.70 0.32 24.59
CA ILE B 70 8.03 0.00 24.08
C ILE B 70 9.14 0.74 24.83
N THR B 71 10.31 0.09 24.92
CA THR B 71 11.49 0.69 25.54
C THR B 71 12.75 0.24 24.79
N ILE B 72 13.49 1.20 24.24
CA ILE B 72 14.72 0.91 23.51
C ILE B 72 15.92 1.40 24.30
N THR B 73 16.62 0.46 24.94
CA THR B 73 17.79 0.77 25.78
C THR B 73 19.05 0.13 25.19
N ALA B 74 20.19 0.78 25.46
CA ALA B 74 21.49 0.32 25.00
C ALA B 74 22.45 0.44 26.16
N ASP B 75 23.13 -0.66 26.49
CA ASP B 75 24.12 -0.69 27.56
C ASP B 75 25.54 -0.64 26.95
N ARG B 76 26.13 0.55 26.94
CA ARG B 76 27.37 0.77 26.16
C ARG B 76 28.62 0.11 26.74
N SER B 77 28.60 -0.23 28.02
CA SER B 77 29.72 -0.92 28.64
C SER B 77 29.86 -2.33 28.07
N THR B 78 28.76 -3.07 28.10
CA THR B 78 28.74 -4.45 27.63
C THR B 78 28.63 -4.62 26.10
N SER B 79 28.45 -3.52 25.38
CA SER B 79 28.21 -3.55 23.93
C SER B 79 26.99 -4.42 23.64
N THR B 80 25.86 -4.02 24.22
CA THR B 80 24.61 -4.75 24.08
C THR B 80 23.45 -3.77 23.92
N ALA B 81 22.54 -4.09 23.02
CA ALA B 81 21.34 -3.30 22.81
C ALA B 81 20.14 -4.13 23.24
N TYR B 82 19.07 -3.44 23.61
CA TYR B 82 17.90 -4.09 24.20
C TYR B 82 16.62 -3.42 23.76
N LEU B 83 15.52 -4.14 23.86
CA LEU B 83 14.20 -3.64 23.52
C LEU B 83 13.19 -4.29 24.47
N GLU B 84 12.41 -3.49 25.17
CA GLU B 84 11.44 -4.06 26.09
C GLU B 84 10.03 -3.82 25.57
N LEU B 85 9.40 -4.89 25.09
CA LEU B 85 8.00 -4.85 24.68
C LEU B 85 7.17 -5.50 25.78
N ASN B 86 6.14 -4.80 26.22
CA ASN B 86 5.32 -5.22 27.36
C ASN B 86 3.87 -5.43 26.97
N SER B 87 3.12 -6.05 27.88
CA SER B 87 1.73 -6.37 27.66
C SER B 87 1.65 -7.06 26.31
N LEU B 88 2.32 -8.19 26.20
CA LEU B 88 2.35 -8.93 24.94
C LEU B 88 0.96 -9.45 24.57
N ARG B 89 0.67 -9.40 23.28
CA ARG B 89 -0.48 -10.10 22.71
C ARG B 89 0.05 -11.27 21.90
N PRO B 90 -0.80 -12.27 21.58
CA PRO B 90 -0.33 -13.38 20.74
C PRO B 90 0.12 -12.90 19.36
N GLU B 91 -0.32 -11.71 18.97
CA GLU B 91 0.02 -11.09 17.70
C GLU B 91 1.47 -10.57 17.71
N ASP B 92 2.07 -10.48 18.89
CA ASP B 92 3.50 -10.14 19.05
C ASP B 92 4.44 -11.35 18.90
N THR B 93 3.87 -12.52 18.57
CA THR B 93 4.68 -13.70 18.24
C THR B 93 5.47 -13.38 16.97
N ALA B 94 6.78 -13.24 17.08
CA ALA B 94 7.58 -12.78 15.95
C ALA B 94 9.06 -13.03 16.16
N VAL B 95 9.82 -13.10 15.07
CA VAL B 95 11.28 -13.00 15.16
C VAL B 95 11.60 -11.51 15.25
N TYR B 96 12.42 -11.14 16.22
CA TYR B 96 12.80 -9.74 16.41
C TYR B 96 14.27 -9.55 16.04
N TYR B 97 14.51 -8.90 14.91
CA TYR B 97 15.88 -8.60 14.49
C TYR B 97 16.34 -7.30 15.12
N CYS B 98 17.65 -7.20 15.28
CA CYS B 98 18.31 -5.94 15.61
C CYS B 98 19.19 -5.58 14.43
N ALA B 99 19.02 -4.38 13.89
CA ALA B 99 19.76 -3.96 12.71
C ALA B 99 20.59 -2.71 12.97
N ARG B 100 21.91 -2.83 12.87
CA ARG B 100 22.78 -1.66 12.92
C ARG B 100 22.87 -1.04 11.53
N GLU B 101 22.69 0.27 11.48
CA GLU B 101 22.86 1.09 10.29
C GLU B 101 24.28 0.97 9.77
N GLY B 102 24.41 1.07 8.45
CA GLY B 102 25.69 0.81 7.79
C GLY B 102 26.44 2.06 7.39
N THR B 103 27.68 1.85 6.95
CA THR B 103 28.60 2.94 6.59
C THR B 103 29.12 2.74 5.17
N THR B 104 29.46 3.84 4.50
CA THR B 104 30.07 3.77 3.17
C THR B 104 31.50 3.19 3.24
N GLY B 105 31.77 2.17 2.44
CA GLY B 105 33.04 1.47 2.49
C GLY B 105 33.13 0.47 3.64
N LEU B 109 33.58 2.68 10.79
CA LEU B 109 33.98 4.08 10.67
C LEU B 109 33.87 4.57 9.21
N GLY B 110 32.79 5.27 8.94
CA GLY B 110 32.50 5.86 7.63
C GLY B 110 31.21 6.68 7.71
N LYS B 111 30.96 7.53 6.71
CA LYS B 111 29.72 8.30 6.67
C LYS B 111 28.55 7.34 6.85
N PRO B 112 27.75 7.51 7.93
CA PRO B 112 26.55 6.69 8.06
C PRO B 112 25.69 6.73 6.80
N ILE B 113 25.12 5.59 6.43
CA ILE B 113 24.34 5.47 5.18
C ILE B 113 22.82 5.65 5.41
N GLY B 114 22.37 5.31 6.63
CA GLY B 114 20.96 5.34 7.01
C GLY B 114 20.35 3.94 7.10
N ALA B 115 20.46 3.22 5.98
CA ALA B 115 19.94 1.85 5.86
C ALA B 115 20.75 0.82 6.66
N PHE B 116 20.16 -0.36 6.86
CA PHE B 116 20.73 -1.36 7.75
C PHE B 116 21.72 -2.29 7.04
N ALA B 117 23.01 -2.01 7.14
CA ALA B 117 24.03 -2.92 6.60
C ALA B 117 24.37 -4.08 7.54
N HIS B 118 24.10 -3.97 8.83
CA HIS B 118 24.49 -5.02 9.79
C HIS B 118 23.28 -5.53 10.58
N TRP B 119 23.08 -6.84 10.60
CA TRP B 119 21.89 -7.48 11.18
C TRP B 119 22.24 -8.58 12.19
N GLY B 120 21.26 -8.98 13.00
CA GLY B 120 21.43 -10.04 13.99
C GLY B 120 20.74 -11.31 13.54
N GLN B 121 20.94 -12.38 14.29
CA GLN B 121 20.45 -13.71 13.89
C GLN B 121 18.92 -13.80 13.93
N GLY B 122 18.32 -13.38 15.05
CA GLY B 122 16.88 -13.50 15.28
C GLY B 122 16.52 -14.18 16.59
N THR B 123 15.61 -13.57 17.35
CA THR B 123 15.03 -14.18 18.56
C THR B 123 13.56 -14.51 18.32
N LEU B 124 13.21 -15.79 18.46
CA LEU B 124 11.80 -16.18 18.34
C LEU B 124 11.07 -15.90 19.66
N VAL B 125 10.44 -14.73 19.73
CA VAL B 125 9.60 -14.37 20.88
C VAL B 125 8.18 -14.85 20.62
N THR B 126 7.82 -15.97 21.24
CA THR B 126 6.53 -16.64 21.03
C THR B 126 5.55 -16.31 22.16
N VAL B 127 4.25 -16.33 21.85
CA VAL B 127 3.21 -16.06 22.85
C VAL B 127 2.06 -17.08 22.77
N SER B 128 1.67 -17.62 23.92
CA SER B 128 0.71 -18.73 24.00
C SER B 128 -0.16 -18.64 25.25
N GLU C 3 -2.77 2.08 -14.08
CA GLU C 3 -3.22 1.34 -12.87
C GLU C 3 -3.17 2.22 -11.61
N ILE C 4 -4.18 2.09 -10.77
CA ILE C 4 -4.30 2.94 -9.59
C ILE C 4 -3.91 2.16 -8.34
N VAL C 5 -2.79 2.56 -7.75
CA VAL C 5 -2.34 1.96 -6.50
C VAL C 5 -3.00 2.73 -5.39
N LEU C 6 -3.76 2.02 -4.57
CA LEU C 6 -4.41 2.58 -3.40
C LEU C 6 -3.60 2.21 -2.15
N THR C 7 -3.53 3.16 -1.23
CA THR C 7 -2.64 3.07 -0.08
C THR C 7 -3.40 3.54 1.14
N GLN C 8 -3.47 2.70 2.17
CA GLN C 8 -4.14 3.04 3.45
C GLN C 8 -3.20 3.35 4.62
N SER C 9 -3.61 4.32 5.43
CA SER C 9 -2.86 4.79 6.57
C SER C 9 -3.79 5.10 7.73
N PRO C 10 -3.37 4.82 8.97
CA PRO C 10 -2.19 4.08 9.36
C PRO C 10 -2.36 2.58 9.04
N GLY C 11 -1.37 1.77 9.41
CA GLY C 11 -1.46 0.35 9.15
C GLY C 11 -2.31 -0.32 10.19
N THR C 12 -2.13 0.11 11.44
CA THR C 12 -2.89 -0.40 12.59
C THR C 12 -3.40 0.75 13.45
N GLN C 13 -4.45 0.47 14.20
CA GLN C 13 -5.20 1.49 14.93
C GLN C 13 -5.67 0.92 16.26
N SER C 14 -5.18 1.47 17.36
CA SER C 14 -5.42 0.92 18.70
C SER C 14 -6.21 1.93 19.53
N LEU C 15 -7.49 1.63 19.77
CA LEU C 15 -8.44 2.58 20.37
C LEU C 15 -9.44 1.88 21.29
N SER C 16 -10.03 2.64 22.21
CA SER C 16 -11.01 2.13 23.16
C SER C 16 -12.42 2.32 22.61
N PRO C 17 -13.41 1.59 23.15
CA PRO C 17 -14.78 1.87 22.75
C PRO C 17 -15.17 3.29 23.09
N GLY C 18 -15.85 3.94 22.16
CA GLY C 18 -16.30 5.32 22.35
C GLY C 18 -15.38 6.36 21.73
N GLU C 19 -14.17 5.96 21.35
CA GLU C 19 -13.23 6.88 20.68
C GLU C 19 -13.68 7.04 19.25
N ARG C 20 -13.14 8.06 18.58
CA ARG C 20 -13.43 8.32 17.17
C ARG C 20 -12.24 7.86 16.35
N ALA C 21 -12.48 6.94 15.44
CA ALA C 21 -11.46 6.40 14.56
C ALA C 21 -11.57 7.05 13.19
N THR C 22 -10.43 7.47 12.64
CA THR C 22 -10.37 8.09 11.32
C THR C 22 -9.35 7.33 10.43
N LEU C 23 -9.84 6.76 9.32
CA LEU C 23 -9.02 5.89 8.46
C LEU C 23 -8.76 6.53 7.13
N SER C 24 -7.53 6.43 6.63
CA SER C 24 -7.16 7.15 5.41
C SER C 24 -6.91 6.20 4.27
N CYS C 25 -7.27 6.65 3.07
CA CYS C 25 -6.99 5.93 1.83
C CYS C 25 -6.57 6.95 0.79
N ARG C 26 -5.38 6.76 0.21
CA ARG C 26 -4.83 7.69 -0.77
C ARG C 26 -4.46 6.97 -2.05
N ALA C 27 -4.80 7.58 -3.17
CA ALA C 27 -4.62 6.99 -4.49
C ALA C 27 -3.49 7.70 -5.21
N SER C 28 -2.65 6.94 -5.91
CA SER C 28 -1.52 7.45 -6.69
C SER C 28 -1.97 8.39 -7.81
N GLN C 29 -3.10 8.08 -8.45
CA GLN C 29 -3.76 9.02 -9.36
C GLN C 29 -5.22 9.17 -8.96
N SER C 30 -5.88 10.18 -9.51
CA SER C 30 -7.25 10.52 -9.15
C SER C 30 -8.22 9.39 -9.50
N VAL C 31 -9.07 9.04 -8.55
CA VAL C 31 -10.06 7.99 -8.73
C VAL C 31 -11.19 8.50 -9.62
N GLY C 32 -11.39 7.87 -10.76
CA GLY C 32 -12.40 8.31 -11.70
C GLY C 32 -13.78 8.45 -11.08
N ASN C 33 -14.30 9.68 -11.10
CA ASN C 33 -15.63 9.99 -10.58
C ASN C 33 -15.83 9.63 -9.12
N ASN C 34 -14.73 9.66 -8.36
CA ASN C 34 -14.76 9.30 -6.95
C ASN C 34 -15.49 7.98 -6.67
N LYS C 35 -15.20 6.97 -7.48
CA LYS C 35 -15.74 5.64 -7.31
C LYS C 35 -14.87 4.87 -6.32
N LEU C 36 -14.95 5.29 -5.06
CA LEU C 36 -14.24 4.65 -3.96
C LEU C 36 -15.21 4.00 -2.99
N ALA C 37 -14.92 2.76 -2.56
CA ALA C 37 -15.75 2.08 -1.55
C ALA C 37 -14.97 1.76 -0.29
N TRP C 38 -15.66 1.66 0.84
CA TRP C 38 -15.05 1.24 2.08
C TRP C 38 -15.72 -0.02 2.59
N TYR C 39 -14.92 -1.04 2.89
CA TYR C 39 -15.45 -2.32 3.32
C TYR C 39 -14.94 -2.65 4.71
N GLN C 40 -15.78 -3.34 5.50
CA GLN C 40 -15.39 -3.88 6.80
C GLN C 40 -15.31 -5.37 6.67
N GLN C 41 -14.25 -5.97 7.16
CA GLN C 41 -14.14 -7.41 7.18
C GLN C 41 -13.76 -7.86 8.59
N ARG C 42 -14.72 -8.45 9.29
CA ARG C 42 -14.46 -9.09 10.58
C ARG C 42 -13.68 -10.37 10.33
N PRO C 43 -12.93 -10.84 11.34
CA PRO C 43 -12.22 -12.11 11.25
C PRO C 43 -13.07 -13.25 10.71
N GLY C 44 -12.48 -14.10 9.87
CA GLY C 44 -13.17 -15.25 9.29
C GLY C 44 -14.50 -14.97 8.60
N GLN C 45 -14.67 -13.75 8.10
CA GLN C 45 -15.93 -13.33 7.49
C GLN C 45 -15.69 -12.61 6.19
N ALA C 46 -16.68 -12.65 5.31
CA ALA C 46 -16.63 -11.95 4.02
C ALA C 46 -16.80 -10.47 4.24
N PRO C 47 -16.17 -9.64 3.40
CA PRO C 47 -16.28 -8.17 3.54
C PRO C 47 -17.71 -7.65 3.49
N ARG C 48 -17.93 -6.54 4.20
CA ARG C 48 -19.23 -5.87 4.25
C ARG C 48 -19.06 -4.44 3.73
N LEU C 49 -19.94 -4.03 2.81
CA LEU C 49 -19.90 -2.70 2.25
C LEU C 49 -20.33 -1.69 3.30
N LEU C 50 -19.54 -0.64 3.48
CA LEU C 50 -19.87 0.45 4.41
C LEU C 50 -20.23 1.72 3.67
N ILE C 51 -19.42 2.10 2.68
CA ILE C 51 -19.60 3.35 1.96
C ILE C 51 -19.33 3.17 0.45
N TYR C 52 -19.99 3.98 -0.37
CA TYR C 52 -19.72 3.97 -1.80
C TYR C 52 -19.85 5.32 -2.48
N GLY C 53 -19.23 5.43 -3.64
CA GLY C 53 -19.15 6.72 -4.32
C GLY C 53 -18.57 7.77 -3.41
N ALA C 54 -17.57 7.37 -2.61
CA ALA C 54 -16.88 8.23 -1.64
C ALA C 54 -17.66 8.48 -0.36
N SER C 55 -18.92 8.89 -0.46
CA SER C 55 -19.69 9.30 0.73
C SER C 55 -21.05 8.66 0.93
N SER C 56 -21.51 7.81 0.02
CA SER C 56 -22.86 7.27 0.17
C SER C 56 -22.88 6.06 1.10
N ARG C 57 -23.77 6.08 2.09
CA ARG C 57 -23.94 4.96 3.00
C ARG C 57 -25.19 4.13 2.65
N PRO C 58 -25.02 2.83 2.35
CA PRO C 58 -26.18 1.98 2.07
C PRO C 58 -27.01 1.68 3.30
N SER C 59 -28.30 1.43 3.09
CA SER C 59 -29.20 1.15 4.20
C SER C 59 -28.77 -0.07 4.99
N GLY C 60 -28.87 0.04 6.31
CA GLY C 60 -28.52 -1.03 7.22
C GLY C 60 -27.12 -0.89 7.78
N VAL C 61 -26.37 0.10 7.29
CA VAL C 61 -25.04 0.38 7.81
C VAL C 61 -25.24 1.51 8.79
N ALA C 62 -24.75 1.35 10.01
CA ALA C 62 -25.07 2.33 11.07
C ALA C 62 -24.51 3.70 10.70
N ASP C 63 -25.18 4.76 11.14
CA ASP C 63 -24.78 6.12 10.76
C ASP C 63 -23.50 6.62 11.46
N ARG C 64 -22.91 5.82 12.33
CA ARG C 64 -21.62 6.17 12.90
C ARG C 64 -20.49 5.99 11.89
N PHE C 65 -20.74 5.28 10.80
CA PHE C 65 -19.83 5.22 9.64
C PHE C 65 -20.11 6.32 8.64
N SER C 66 -19.06 7.00 8.19
CA SER C 66 -19.17 8.00 7.12
C SER C 66 -17.86 8.16 6.35
N GLY C 67 -18.01 8.58 5.09
CA GLY C 67 -16.90 8.67 4.15
C GLY C 67 -16.83 10.06 3.54
N SER C 68 -15.62 10.48 3.20
CA SER C 68 -15.45 11.81 2.63
C SER C 68 -14.17 11.88 1.84
N GLY C 69 -13.97 13.00 1.17
CA GLY C 69 -12.79 13.25 0.33
C GLY C 69 -13.12 13.04 -1.14
N SER C 70 -12.24 13.57 -1.99
CA SER C 70 -12.36 13.38 -3.41
C SER C 70 -10.96 13.25 -3.98
N GLY C 71 -10.88 13.08 -5.29
CA GLY C 71 -9.61 13.04 -6.00
C GLY C 71 -8.78 11.83 -5.60
N THR C 72 -7.67 12.11 -4.91
CA THR C 72 -6.68 11.11 -4.56
C THR C 72 -6.53 11.01 -3.05
N ASP C 73 -7.47 11.60 -2.30
CA ASP C 73 -7.38 11.62 -0.83
C ASP C 73 -8.75 11.37 -0.20
N PHE C 74 -8.88 10.25 0.50
CA PHE C 74 -10.16 9.78 1.06
C PHE C 74 -10.05 9.36 2.54
N THR C 75 -11.15 9.52 3.28
CA THR C 75 -11.21 9.24 4.71
C THR C 75 -12.53 8.56 5.09
N LEU C 76 -12.42 7.48 5.86
CA LEU C 76 -13.54 6.89 6.57
C LEU C 76 -13.41 7.21 8.04
N THR C 77 -14.52 7.65 8.63
CA THR C 77 -14.58 7.99 10.05
C THR C 77 -15.64 7.14 10.72
N ILE C 78 -15.24 6.53 11.84
CA ILE C 78 -16.16 5.81 12.71
C ILE C 78 -16.21 6.64 13.99
N SER C 79 -17.35 7.30 14.22
CA SER C 79 -17.45 8.33 15.24
C SER C 79 -17.32 7.77 16.65
N ARG C 80 -18.07 6.72 16.94
CA ARG C 80 -18.09 6.16 18.29
C ARG C 80 -17.94 4.64 18.21
N LEU C 81 -16.71 4.17 18.36
CA LEU C 81 -16.43 2.74 18.25
C LEU C 81 -17.25 1.91 19.24
N GLU C 82 -17.97 0.94 18.67
CA GLU C 82 -18.56 -0.15 19.41
C GLU C 82 -17.59 -1.33 19.26
N PRO C 83 -17.51 -2.22 20.26
CA PRO C 83 -16.58 -3.36 20.26
C PRO C 83 -16.56 -4.14 18.95
N GLU C 84 -17.73 -4.31 18.35
CA GLU C 84 -17.89 -5.09 17.13
C GLU C 84 -17.24 -4.45 15.90
N ASP C 85 -16.73 -3.23 16.05
CA ASP C 85 -15.97 -2.54 14.99
C ASP C 85 -14.50 -3.00 14.86
N PHE C 86 -14.00 -3.78 15.80
CA PHE C 86 -12.64 -4.31 15.69
C PHE C 86 -12.59 -5.19 14.46
N ALA C 87 -11.90 -4.74 13.43
CA ALA C 87 -11.88 -5.42 12.16
C ALA C 87 -10.90 -4.75 11.19
N VAL C 88 -10.64 -5.37 10.06
CA VAL C 88 -9.76 -4.77 9.09
C VAL C 88 -10.64 -4.03 8.09
N TYR C 89 -10.16 -2.88 7.62
CA TYR C 89 -10.93 -2.04 6.72
C TYR C 89 -10.13 -1.79 5.47
N TYR C 90 -10.74 -2.05 4.31
CA TYR C 90 -10.11 -1.81 3.01
C TYR C 90 -10.90 -0.77 2.25
N CYS C 91 -10.19 0.05 1.47
CA CYS C 91 -10.83 0.86 0.43
C CYS C 91 -10.69 0.19 -0.93
N GLN C 92 -11.61 0.48 -1.83
CA GLN C 92 -11.59 -0.03 -3.20
C GLN C 92 -11.87 1.11 -4.13
N GLN C 93 -11.24 1.10 -5.31
CA GLN C 93 -11.62 2.01 -6.41
C GLN C 93 -12.05 1.20 -7.62
N TYR C 94 -13.15 1.64 -8.22
CA TYR C 94 -13.77 0.99 -9.37
C TYR C 94 -14.10 2.07 -10.42
N GLY C 95 -13.19 3.03 -10.51
CA GLY C 95 -13.33 4.22 -11.38
C GLY C 95 -12.69 3.99 -12.73
N GLN C 96 -12.07 2.82 -12.88
CA GLN C 96 -11.63 2.32 -14.17
C GLN C 96 -11.76 0.81 -14.18
N SER C 97 -11.57 0.20 -15.33
CA SER C 97 -11.92 -1.22 -15.48
C SER C 97 -11.08 -2.12 -14.60
N LEU C 98 -9.84 -1.71 -14.29
CA LEU C 98 -9.02 -2.47 -13.35
C LEU C 98 -9.26 -1.97 -11.93
N SER C 99 -10.16 -2.62 -11.21
CA SER C 99 -10.48 -2.28 -9.82
C SER C 99 -9.36 -2.78 -8.93
N THR C 100 -9.01 -1.99 -7.93
CA THR C 100 -7.89 -2.29 -7.05
C THR C 100 -8.26 -1.90 -5.64
N PHE C 101 -7.79 -2.68 -4.68
CA PHE C 101 -8.06 -2.46 -3.26
C PHE C 101 -6.87 -1.85 -2.54
N GLY C 102 -7.13 -1.18 -1.42
CA GLY C 102 -6.08 -0.80 -0.49
C GLY C 102 -5.53 -2.00 0.23
N GLN C 103 -4.48 -1.76 1.01
CA GLN C 103 -3.73 -2.86 1.63
C GLN C 103 -4.25 -3.21 3.02
N GLY C 104 -4.98 -2.27 3.64
CA GLY C 104 -5.77 -2.57 4.80
C GLY C 104 -5.30 -1.84 6.05
N THR C 105 -6.28 -1.31 6.79
CA THR C 105 -6.06 -0.77 8.12
C THR C 105 -6.80 -1.67 9.12
N LYS C 106 -6.09 -2.15 10.13
CA LYS C 106 -6.68 -2.93 11.20
C LYS C 106 -6.98 -2.07 12.41
N VAL C 107 -8.22 -2.04 12.82
CA VAL C 107 -8.59 -1.26 13.98
C VAL C 107 -8.75 -2.21 15.15
N GLU C 108 -7.85 -2.07 16.12
CA GLU C 108 -7.97 -2.86 17.35
C GLU C 108 -8.67 -2.03 18.41
N VAL C 109 -9.74 -2.61 18.93
CA VAL C 109 -10.50 -2.08 20.05
C VAL C 109 -9.81 -2.67 21.28
N LYS C 110 -10.39 -2.57 22.47
CA LYS C 110 -9.72 -3.10 23.68
C LYS C 110 -10.71 -3.61 24.72
N LEU C 111 -10.21 -4.40 25.68
CA LEU C 111 -11.03 -4.96 26.73
C LEU C 111 -10.46 -4.64 28.11
N VAL C 112 -11.34 -4.24 29.02
CA VAL C 112 -10.98 -3.99 30.39
C VAL C 112 -10.23 -5.21 30.89
N PRO C 113 -9.02 -5.00 31.47
CA PRO C 113 -8.32 -6.04 32.24
C PRO C 113 -9.21 -6.71 33.28
N GLU D 3 2.25 8.46 7.88
CA GLU D 3 2.86 7.10 7.78
C GLU D 3 2.87 6.67 6.32
N ILE D 4 4.07 6.54 5.74
CA ILE D 4 4.26 6.22 4.31
C ILE D 4 4.04 4.75 3.97
N VAL D 5 3.26 4.50 2.92
CA VAL D 5 2.96 3.16 2.47
C VAL D 5 3.77 2.86 1.20
N LEU D 6 4.73 1.95 1.32
CA LEU D 6 5.44 1.39 0.16
C LEU D 6 4.71 0.15 -0.37
N THR D 7 4.53 0.06 -1.68
CA THR D 7 3.79 -1.05 -2.29
C THR D 7 4.61 -1.70 -3.39
N GLN D 8 4.88 -3.00 -3.20
CA GLN D 8 5.78 -3.73 -4.09
C GLN D 8 5.00 -4.52 -5.15
N SER D 9 5.67 -4.80 -6.27
CA SER D 9 5.04 -5.39 -7.43
C SER D 9 6.01 -6.24 -8.25
N PRO D 10 5.58 -7.42 -8.69
CA PRO D 10 4.39 -8.14 -8.25
C PRO D 10 4.65 -8.74 -6.88
N GLY D 11 3.65 -9.43 -6.35
CA GLY D 11 3.80 -10.16 -5.10
C GLY D 11 4.83 -11.26 -5.31
N THR D 12 4.59 -12.12 -6.29
CA THR D 12 5.51 -13.20 -6.66
C THR D 12 5.97 -13.07 -8.11
N GLN D 13 7.07 -13.73 -8.44
CA GLN D 13 7.69 -13.59 -9.73
C GLN D 13 8.50 -14.83 -10.12
N SER D 14 7.90 -15.76 -10.87
CA SER D 14 8.61 -16.98 -11.30
C SER D 14 9.58 -16.68 -12.44
N LEU D 15 10.82 -17.14 -12.32
CA LEU D 15 11.88 -16.85 -13.31
C LEU D 15 12.94 -17.95 -13.32
N SER D 16 13.74 -18.01 -14.37
CA SER D 16 14.85 -18.98 -14.45
C SER D 16 16.19 -18.36 -14.02
N PRO D 17 17.19 -19.18 -13.67
CA PRO D 17 18.51 -18.66 -13.40
C PRO D 17 19.12 -17.98 -14.62
N GLY D 18 19.75 -16.83 -14.42
CA GLY D 18 20.41 -16.12 -15.51
C GLY D 18 19.51 -15.21 -16.33
N GLU D 19 18.24 -15.12 -15.96
CA GLU D 19 17.29 -14.17 -16.56
C GLU D 19 17.37 -12.86 -15.83
N ARG D 20 16.93 -11.80 -16.49
CA ARG D 20 16.79 -10.49 -15.86
C ARG D 20 15.55 -10.48 -14.96
N ALA D 21 15.58 -9.63 -13.94
CA ALA D 21 14.44 -9.43 -13.06
C ALA D 21 14.33 -7.97 -12.72
N THR D 22 13.12 -7.43 -12.88
CA THR D 22 12.85 -6.08 -12.41
C THR D 22 11.76 -6.17 -11.34
N LEU D 23 12.01 -5.54 -10.20
CA LEU D 23 11.09 -5.51 -9.07
C LEU D 23 10.70 -4.07 -8.78
N SER D 24 9.42 -3.78 -8.60
CA SER D 24 8.99 -2.41 -8.40
C SER D 24 8.63 -2.16 -6.94
N CYS D 25 8.92 -0.94 -6.46
CA CYS D 25 8.48 -0.46 -5.14
C CYS D 25 7.96 0.93 -5.29
N ARG D 26 6.69 1.13 -4.95
CA ARG D 26 5.98 2.39 -5.18
C ARG D 26 5.57 3.07 -3.86
N ALA D 27 6.04 4.29 -3.65
CA ALA D 27 5.79 5.03 -2.42
C ALA D 27 4.51 5.83 -2.52
N SER D 28 3.67 5.75 -1.50
CA SER D 28 2.38 6.48 -1.52
C SER D 28 2.59 8.00 -1.58
N GLN D 29 3.79 8.44 -1.21
CA GLN D 29 4.19 9.84 -1.38
C GLN D 29 5.72 9.98 -1.60
N SER D 30 6.23 11.20 -1.59
CA SER D 30 7.65 11.43 -1.83
C SER D 30 8.50 10.96 -0.65
N VAL D 31 9.61 10.27 -0.96
CA VAL D 31 10.57 9.86 0.04
C VAL D 31 11.64 10.93 0.18
N GLY D 32 11.91 11.34 1.42
CA GLY D 32 12.85 12.42 1.69
C GLY D 32 14.24 12.07 1.20
N ASN D 33 14.76 12.86 0.27
CA ASN D 33 16.09 12.63 -0.31
C ASN D 33 16.25 11.25 -0.94
N ASN D 34 15.17 10.72 -1.50
CA ASN D 34 15.21 9.41 -2.14
C ASN D 34 15.90 8.40 -1.24
N LYS D 35 15.60 8.46 0.06
CA LYS D 35 16.18 7.54 1.02
C LYS D 35 15.33 6.26 1.07
N LEU D 36 15.45 5.50 -0.01
CA LEU D 36 14.80 4.21 -0.15
C LEU D 36 15.88 3.17 -0.35
N ALA D 37 15.80 2.08 0.41
CA ALA D 37 16.74 0.99 0.29
C ALA D 37 16.04 -0.28 -0.21
N TRP D 38 16.86 -1.27 -0.53
CA TRP D 38 16.38 -2.55 -1.04
C TRP D 38 17.06 -3.65 -0.26
N TYR D 39 16.36 -4.74 -0.02
CA TYR D 39 16.89 -5.85 0.79
C TYR D 39 16.57 -7.22 0.20
N GLN D 40 17.51 -8.15 0.34
CA GLN D 40 17.28 -9.55 -0.03
C GLN D 40 17.20 -10.38 1.23
N GLN D 41 16.10 -11.10 1.40
CA GLN D 41 16.02 -12.05 2.48
C GLN D 41 15.90 -13.44 1.88
N ARG D 42 16.89 -14.28 2.20
CA ARG D 42 16.88 -15.68 1.81
C ARG D 42 16.20 -16.50 2.91
N PRO D 43 15.57 -17.64 2.55
CA PRO D 43 14.88 -18.45 3.55
C PRO D 43 15.69 -18.68 4.82
N GLY D 44 15.09 -18.40 5.97
CA GLY D 44 15.73 -18.69 7.26
C GLY D 44 16.83 -17.73 7.66
N GLN D 45 16.97 -16.64 6.91
CA GLN D 45 18.06 -15.70 7.15
C GLN D 45 17.53 -14.32 7.43
N ALA D 46 18.45 -13.47 7.87
CA ALA D 46 18.19 -12.05 8.02
C ALA D 46 18.29 -11.41 6.65
N PRO D 47 17.75 -10.18 6.51
CA PRO D 47 17.88 -9.47 5.25
C PRO D 47 19.30 -8.94 5.04
N ARG D 48 19.75 -8.97 3.79
CA ARG D 48 20.99 -8.32 3.40
C ARG D 48 20.62 -7.06 2.66
N LEU D 49 21.47 -6.06 2.78
CA LEU D 49 21.26 -4.80 2.09
C LEU D 49 21.87 -4.88 0.70
N LEU D 50 21.08 -4.47 -0.29
CA LEU D 50 21.51 -4.44 -1.69
C LEU D 50 21.76 -3.01 -2.13
N ILE D 51 20.83 -2.13 -1.80
CA ILE D 51 20.89 -0.74 -2.21
C ILE D 51 20.50 0.20 -1.09
N TYR D 52 21.04 1.40 -1.14
CA TYR D 52 20.61 2.47 -0.25
C TYR D 52 20.62 3.76 -1.02
N GLY D 53 19.77 4.69 -0.59
CA GLY D 53 19.63 5.98 -1.26
C GLY D 53 19.14 5.82 -2.70
N ALA D 54 18.35 4.78 -2.92
CA ALA D 54 17.65 4.53 -4.19
C ALA D 54 18.53 3.93 -5.30
N SER D 55 19.77 4.37 -5.43
CA SER D 55 20.66 3.83 -6.47
C SER D 55 22.08 3.47 -6.01
N SER D 56 22.46 3.83 -4.79
CA SER D 56 23.81 3.52 -4.32
C SER D 56 23.87 2.08 -3.84
N ARG D 57 25.01 1.44 -4.07
CA ARG D 57 25.23 0.06 -3.69
C ARG D 57 26.51 -0.05 -2.88
N PRO D 58 26.43 -0.65 -1.68
CA PRO D 58 27.64 -0.84 -0.91
C PRO D 58 28.57 -1.75 -1.68
N SER D 59 29.83 -1.35 -1.78
CA SER D 59 30.80 -2.17 -2.48
C SER D 59 30.81 -3.55 -1.81
N GLY D 60 31.19 -4.57 -2.58
CA GLY D 60 31.11 -5.95 -2.07
C GLY D 60 29.71 -6.54 -2.18
N VAL D 61 28.77 -5.76 -2.69
CA VAL D 61 27.46 -6.25 -3.04
C VAL D 61 27.58 -6.44 -4.55
N ALA D 62 27.18 -7.60 -5.05
CA ALA D 62 27.52 -7.97 -6.42
C ALA D 62 27.13 -6.89 -7.44
N ASP D 63 27.87 -6.84 -8.54
CA ASP D 63 27.62 -5.87 -9.61
C ASP D 63 26.23 -6.01 -10.24
N ARG D 64 25.64 -7.20 -10.13
CA ARG D 64 24.38 -7.49 -10.82
C ARG D 64 23.15 -6.80 -10.22
N PHE D 65 23.24 -6.34 -8.98
CA PHE D 65 22.16 -5.58 -8.37
C PHE D 65 22.33 -4.12 -8.74
N SER D 66 21.24 -3.49 -9.17
CA SER D 66 21.22 -2.04 -9.42
C SER D 66 19.89 -1.43 -9.03
N GLY D 67 19.94 -0.19 -8.59
CA GLY D 67 18.76 0.55 -8.15
C GLY D 67 18.57 1.83 -8.94
N SER D 68 17.31 2.19 -9.12
CA SER D 68 16.96 3.46 -9.74
C SER D 68 15.60 3.95 -9.28
N GLY D 69 15.25 5.14 -9.74
CA GLY D 69 13.98 5.77 -9.41
C GLY D 69 14.14 7.06 -8.62
N SER D 70 13.03 7.76 -8.48
CA SER D 70 12.96 9.01 -7.72
C SER D 70 11.54 9.24 -7.21
N GLY D 71 11.41 10.02 -6.15
CA GLY D 71 10.10 10.44 -5.66
C GLY D 71 9.30 9.30 -5.07
N THR D 72 8.45 8.69 -5.90
CA THR D 72 7.53 7.62 -5.47
C THR D 72 7.65 6.30 -6.23
N ASP D 73 8.58 6.19 -7.18
CA ASP D 73 8.61 5.02 -8.08
C ASP D 73 10.02 4.45 -8.28
N PHE D 74 10.30 3.34 -7.61
CA PHE D 74 11.64 2.77 -7.64
C PHE D 74 11.61 1.41 -8.27
N THR D 75 12.79 1.00 -8.73
CA THR D 75 12.98 -0.27 -9.42
C THR D 75 14.30 -0.92 -9.00
N LEU D 76 14.21 -2.15 -8.51
CA LEU D 76 15.38 -3.00 -8.40
C LEU D 76 15.47 -3.82 -9.69
N THR D 77 16.65 -3.85 -10.28
CA THR D 77 16.96 -4.67 -11.43
C THR D 77 18.04 -5.68 -11.02
N ILE D 78 17.81 -6.97 -11.31
CA ILE D 78 18.83 -8.03 -11.16
C ILE D 78 19.26 -8.57 -12.56
N SER D 79 20.46 -8.22 -13.01
CA SER D 79 20.84 -8.45 -14.42
C SER D 79 20.88 -9.93 -14.83
N ARG D 80 21.40 -10.79 -13.95
CA ARG D 80 21.38 -12.23 -14.21
C ARG D 80 21.15 -12.97 -12.91
N LEU D 81 19.94 -13.46 -12.69
CA LEU D 81 19.60 -14.16 -11.45
C LEU D 81 20.63 -15.26 -11.19
N GLU D 82 20.99 -15.40 -9.93
CA GLU D 82 21.76 -16.51 -9.43
C GLU D 82 20.83 -17.31 -8.52
N PRO D 83 21.17 -18.57 -8.23
CA PRO D 83 20.42 -19.40 -7.27
C PRO D 83 20.12 -18.71 -5.94
N GLU D 84 21.11 -18.02 -5.38
CA GLU D 84 20.94 -17.27 -4.13
C GLU D 84 19.94 -16.10 -4.24
N ASP D 85 19.80 -15.54 -5.45
CA ASP D 85 18.87 -14.42 -5.68
C ASP D 85 17.40 -14.84 -5.66
N PHE D 86 17.13 -16.15 -5.60
CA PHE D 86 15.78 -16.61 -5.32
C PHE D 86 15.50 -16.44 -3.84
N ALA D 87 14.65 -15.46 -3.55
CA ALA D 87 14.44 -14.95 -2.19
C ALA D 87 13.35 -13.91 -2.18
N VAL D 88 12.99 -13.46 -0.98
CA VAL D 88 12.09 -12.33 -0.89
C VAL D 88 12.90 -11.03 -0.90
N TYR D 89 12.35 -10.00 -1.54
CA TYR D 89 12.99 -8.68 -1.59
C TYR D 89 12.04 -7.66 -0.97
N TYR D 90 12.49 -6.97 0.07
CA TYR D 90 11.76 -5.82 0.64
C TYR D 90 12.41 -4.50 0.27
N CYS D 91 11.58 -3.46 0.13
CA CYS D 91 12.03 -2.06 0.01
C CYS D 91 11.62 -1.28 1.25
N GLN D 92 12.48 -0.37 1.70
CA GLN D 92 12.31 0.38 2.93
C GLN D 92 12.55 1.84 2.63
N GLN D 93 11.71 2.71 3.19
CA GLN D 93 11.92 4.18 3.13
C GLN D 93 12.38 4.69 4.48
N TYR D 94 13.40 5.55 4.50
CA TYR D 94 13.86 6.17 5.77
C TYR D 94 14.05 7.68 5.62
N GLY D 95 13.18 8.29 4.82
CA GLY D 95 13.18 9.75 4.60
C GLY D 95 12.67 10.57 5.78
N GLN D 96 11.64 10.06 6.44
CA GLN D 96 11.13 10.66 7.69
C GLN D 96 11.36 9.71 8.86
N SER D 97 11.19 10.21 10.09
CA SER D 97 11.52 9.42 11.29
C SER D 97 10.81 8.06 11.37
N LEU D 98 9.57 7.99 10.88
CA LEU D 98 8.80 6.74 10.86
C LEU D 98 9.17 5.95 9.62
N SER D 99 10.13 5.04 9.77
CA SER D 99 10.54 4.19 8.67
C SER D 99 9.51 3.06 8.51
N THR D 100 9.21 2.74 7.25
CA THR D 100 8.22 1.73 6.89
C THR D 100 8.78 0.88 5.77
N PHE D 101 8.29 -0.36 5.65
CA PHE D 101 8.72 -1.29 4.60
C PHE D 101 7.56 -1.62 3.63
N GLY D 102 7.94 -2.06 2.44
CA GLY D 102 7.03 -2.77 1.58
C GLY D 102 6.67 -4.12 2.15
N GLN D 103 5.63 -4.74 1.58
CA GLN D 103 5.17 -6.05 2.01
C GLN D 103 6.05 -7.18 1.48
N GLY D 104 6.92 -6.88 0.51
CA GLY D 104 7.82 -7.86 -0.11
C GLY D 104 7.44 -8.38 -1.50
N THR D 105 8.44 -8.83 -2.26
CA THR D 105 8.24 -9.58 -3.51
C THR D 105 9.05 -10.87 -3.51
N LYS D 106 8.39 -12.02 -3.61
CA LYS D 106 9.11 -13.30 -3.64
C LYS D 106 9.58 -13.63 -5.07
N VAL D 107 10.89 -13.74 -5.27
CA VAL D 107 11.43 -14.24 -6.53
C VAL D 107 11.71 -15.74 -6.37
N GLU D 108 11.03 -16.54 -7.18
CA GLU D 108 11.22 -17.99 -7.15
C GLU D 108 11.48 -18.56 -8.54
N VAL D 109 11.93 -19.81 -8.54
CA VAL D 109 12.31 -20.55 -9.73
C VAL D 109 11.11 -20.82 -10.61
N LYS D 110 11.32 -20.71 -11.92
CA LYS D 110 10.35 -21.21 -12.91
C LYS D 110 10.46 -22.74 -12.95
N LEU D 111 9.34 -23.41 -12.74
CA LEU D 111 9.24 -24.85 -12.94
C LEU D 111 9.35 -25.18 -14.43
N VAL D 112 9.76 -26.40 -14.75
CA VAL D 112 9.99 -26.76 -16.15
C VAL D 112 10.10 -28.27 -16.37
N GLY E 7 -16.33 5.54 -28.27
CA GLY E 7 -17.53 6.40 -27.99
C GLY E 7 -17.92 6.44 -26.52
N SER E 8 -19.04 7.10 -26.23
CA SER E 8 -19.48 7.39 -24.86
C SER E 8 -20.51 6.36 -24.42
N ILE E 9 -20.63 6.16 -23.11
CA ILE E 9 -21.72 5.35 -22.56
C ILE E 9 -23.06 6.08 -22.66
N SER E 10 -23.02 7.40 -22.50
CA SER E 10 -24.22 8.21 -22.52
C SER E 10 -24.79 8.40 -23.94
N ASP E 11 -23.93 8.26 -24.95
CA ASP E 11 -24.37 8.36 -26.34
C ASP E 11 -25.22 7.12 -26.66
N ILE E 12 -24.92 6.00 -26.01
CA ILE E 12 -25.79 4.82 -26.10
C ILE E 12 -27.18 5.17 -25.57
N ARG E 13 -27.22 5.90 -24.47
CA ARG E 13 -28.48 6.28 -23.82
C ARG E 13 -29.30 7.23 -24.72
N LYS E 14 -28.65 8.27 -25.24
CA LYS E 14 -29.22 9.18 -26.26
C LYS E 14 -29.90 8.43 -27.42
N ASP E 15 -29.12 7.58 -28.07
CA ASP E 15 -29.55 6.85 -29.26
C ASP E 15 -30.79 6.02 -28.96
N ALA E 16 -30.70 5.25 -27.87
CA ALA E 16 -31.81 4.43 -27.38
C ALA E 16 -33.13 5.20 -27.26
N GLU E 17 -33.05 6.40 -26.68
CA GLU E 17 -34.21 7.25 -26.42
C GLU E 17 -34.72 7.85 -27.74
N VAL E 18 -33.82 8.43 -28.51
CA VAL E 18 -34.23 8.99 -29.79
C VAL E 18 -34.90 7.90 -30.63
N ARG E 19 -34.27 6.73 -30.70
CA ARG E 19 -34.79 5.62 -31.53
C ARG E 19 -36.08 5.03 -30.95
N MET E 20 -36.19 4.97 -29.63
CA MET E 20 -37.41 4.50 -28.99
C MET E 20 -38.53 5.51 -29.16
N ASP E 21 -38.25 6.78 -28.86
CA ASP E 21 -39.22 7.85 -29.15
C ASP E 21 -39.71 7.79 -30.59
N LYS E 22 -38.80 7.47 -31.50
CA LYS E 22 -39.10 7.38 -32.93
C LYS E 22 -39.98 6.16 -33.25
N ALA E 23 -39.72 5.06 -32.57
CA ALA E 23 -40.56 3.89 -32.76
C ALA E 23 -42.01 4.21 -32.38
N VAL E 24 -42.16 5.06 -31.36
CA VAL E 24 -43.44 5.24 -30.66
C VAL E 24 -44.33 6.26 -31.36
N GLU E 25 -43.73 7.36 -31.82
CA GLU E 25 -44.48 8.35 -32.58
C GLU E 25 -44.85 7.79 -33.95
N ALA E 26 -44.05 6.84 -34.43
CA ALA E 26 -44.36 6.12 -35.66
C ALA E 26 -45.69 5.40 -35.51
N PHE E 27 -45.88 4.79 -34.34
CA PHE E 27 -47.10 4.03 -34.04
C PHE E 27 -48.30 4.95 -33.85
N LYS E 28 -48.13 6.01 -33.06
CA LYS E 28 -49.17 7.03 -32.90
C LYS E 28 -49.64 7.60 -34.24
N ASN E 29 -48.70 7.90 -35.12
CA ASN E 29 -48.98 8.46 -36.45
C ASN E 29 -49.75 7.50 -37.33
N LYS E 30 -49.46 6.21 -37.20
CA LYS E 30 -50.17 5.18 -37.95
C LYS E 30 -51.62 5.04 -37.46
N LEU E 31 -51.81 5.24 -36.16
CA LEU E 31 -53.14 5.26 -35.52
C LEU E 31 -53.98 6.50 -35.86
N ASP E 32 -53.34 7.67 -35.91
CA ASP E 32 -54.07 8.89 -36.25
C ASP E 32 -54.64 8.78 -37.66
N LYS E 33 -53.82 8.32 -38.60
CA LYS E 33 -54.23 8.11 -39.97
C LYS E 33 -55.29 7.01 -40.04
N PHE E 34 -55.12 5.99 -39.21
CA PHE E 34 -56.07 4.87 -39.16
C PHE E 34 -57.46 5.33 -38.73
N LYS E 35 -57.52 6.21 -37.74
CA LYS E 35 -58.77 6.76 -37.28
C LYS E 35 -59.49 7.56 -38.38
N ALA E 36 -58.71 8.30 -39.18
CA ALA E 36 -59.27 9.07 -40.29
C ALA E 36 -59.89 8.19 -41.38
N ALA E 37 -59.27 7.02 -41.64
CA ALA E 37 -59.78 6.06 -42.63
C ALA E 37 -61.06 5.42 -42.12
N VAL E 38 -61.09 5.19 -40.81
CA VAL E 38 -62.24 4.60 -40.14
C VAL E 38 -63.44 5.55 -40.14
N ARG E 39 -63.19 6.85 -40.11
CA ARG E 39 -64.28 7.84 -40.09
C ARG E 39 -65.17 7.79 -41.36
N LYS E 40 -64.62 7.28 -42.46
CA LYS E 40 -65.38 7.16 -43.73
C LYS E 40 -66.08 5.80 -43.85
N VAL E 41 -66.12 5.02 -42.78
CA VAL E 41 -66.76 3.71 -42.82
C VAL E 41 -67.82 3.60 -41.74
N PHE E 42 -68.90 2.90 -42.09
CA PHE E 42 -70.01 2.69 -41.19
C PHE E 42 -69.56 1.75 -40.06
N PRO E 43 -69.73 2.18 -38.80
CA PRO E 43 -69.41 1.26 -37.71
C PRO E 43 -70.26 0.00 -37.82
N THR E 44 -69.61 -1.15 -37.71
CA THR E 44 -70.32 -2.43 -37.72
C THR E 44 -69.55 -3.37 -36.82
N GLU E 45 -70.24 -4.33 -36.24
CA GLU E 45 -69.64 -5.19 -35.23
C GLU E 45 -68.49 -6.02 -35.82
N GLU E 46 -68.63 -6.46 -37.06
CA GLU E 46 -67.57 -7.24 -37.70
C GLU E 46 -66.38 -6.33 -38.05
N ARG E 47 -66.67 -5.14 -38.57
CA ARG E 47 -65.63 -4.14 -38.83
C ARG E 47 -64.93 -3.71 -37.55
N ILE E 48 -65.71 -3.53 -36.48
CA ILE E 48 -65.16 -3.28 -35.14
C ILE E 48 -64.23 -4.40 -34.67
N LYS E 49 -64.52 -5.64 -35.05
CA LYS E 49 -63.65 -6.76 -34.78
C LYS E 49 -62.39 -6.68 -35.66
N ASP E 50 -62.54 -6.11 -36.86
CA ASP E 50 -61.40 -5.96 -37.77
C ASP E 50 -60.45 -4.81 -37.38
N TRP E 51 -61.01 -3.71 -36.85
CA TRP E 51 -60.20 -2.57 -36.45
C TRP E 51 -59.31 -2.93 -35.26
N LEU E 52 -59.90 -3.51 -34.23
CA LEU E 52 -59.13 -3.92 -33.06
C LEU E 52 -57.96 -4.84 -33.43
N LYS E 53 -58.22 -5.82 -34.29
CA LYS E 53 -57.17 -6.77 -34.67
C LYS E 53 -56.02 -6.03 -35.33
N ILE E 54 -56.37 -5.12 -36.25
CA ILE E 54 -55.40 -4.28 -36.95
C ILE E 54 -54.58 -3.43 -35.97
N VAL E 55 -55.27 -2.71 -35.10
CA VAL E 55 -54.64 -1.80 -34.15
C VAL E 55 -53.75 -2.53 -33.13
N ARG E 56 -54.23 -3.67 -32.63
CA ARG E 56 -53.42 -4.52 -31.75
C ARG E 56 -52.16 -5.04 -32.47
N GLY E 57 -52.33 -5.60 -33.66
CA GLY E 57 -51.20 -6.02 -34.48
C GLY E 57 -50.21 -4.91 -34.80
N GLU E 58 -50.69 -3.67 -34.87
CA GLU E 58 -49.83 -2.50 -35.06
C GLU E 58 -49.01 -2.25 -33.79
N ALA E 59 -49.71 -2.21 -32.65
CA ALA E 59 -49.06 -2.17 -31.34
C ALA E 59 -47.90 -3.14 -31.31
N GLU E 60 -48.16 -4.42 -31.59
CA GLU E 60 -47.10 -5.42 -31.52
C GLU E 60 -45.89 -5.04 -32.40
N GLN E 61 -46.14 -4.52 -33.60
CA GLN E 61 -45.05 -4.12 -34.48
C GLN E 61 -44.20 -3.05 -33.80
N ALA E 62 -44.87 -2.16 -33.07
CA ALA E 62 -44.20 -1.05 -32.36
C ALA E 62 -43.43 -1.55 -31.14
N ARG E 63 -44.01 -2.49 -30.41
CA ARG E 63 -43.32 -3.11 -29.29
C ARG E 63 -42.07 -3.82 -29.77
N VAL E 64 -42.16 -4.52 -30.89
CA VAL E 64 -41.00 -5.21 -31.46
C VAL E 64 -39.90 -4.23 -31.90
N ALA E 65 -40.31 -3.14 -32.51
CA ALA E 65 -39.37 -2.08 -32.89
C ALA E 65 -38.58 -1.59 -31.70
N VAL E 66 -39.25 -1.50 -30.56
CA VAL E 66 -38.63 -0.99 -29.34
C VAL E 66 -37.73 -2.04 -28.70
N ARG E 67 -38.16 -3.30 -28.69
CA ARG E 67 -37.30 -4.35 -28.18
C ARG E 67 -35.98 -4.33 -28.96
N ASN E 68 -36.08 -4.23 -30.29
CA ASN E 68 -34.87 -4.18 -31.14
C ASN E 68 -33.92 -3.04 -30.81
N VAL E 69 -34.45 -1.88 -30.46
CA VAL E 69 -33.61 -0.75 -30.10
C VAL E 69 -32.83 -1.05 -28.81
N GLY E 70 -33.52 -1.56 -27.81
CA GLY E 70 -32.88 -2.01 -26.58
C GLY E 70 -31.79 -3.03 -26.84
N ARG E 71 -32.13 -4.08 -27.58
CA ARG E 71 -31.16 -5.13 -27.90
C ARG E 71 -29.93 -4.55 -28.58
N ASP E 72 -30.11 -3.64 -29.54
CA ASP E 72 -28.94 -3.08 -30.20
C ASP E 72 -28.15 -2.18 -29.25
N ALA E 73 -28.85 -1.48 -28.35
CA ALA E 73 -28.18 -0.67 -27.33
C ALA E 73 -27.39 -1.54 -26.38
N ASN E 74 -27.96 -2.68 -25.99
CA ASN E 74 -27.26 -3.65 -25.14
C ASN E 74 -25.98 -4.14 -25.83
N ASP E 75 -26.09 -4.43 -27.12
CA ASP E 75 -24.93 -4.80 -27.93
C ASP E 75 -23.87 -3.74 -27.85
N LYS E 76 -24.28 -2.50 -28.10
CA LYS E 76 -23.34 -1.36 -28.10
C LYS E 76 -22.69 -1.20 -26.74
N ALA E 77 -23.44 -1.51 -25.69
CA ALA E 77 -22.93 -1.47 -24.33
C ALA E 77 -21.87 -2.55 -24.13
N ALA E 78 -22.09 -3.73 -24.69
CA ALA E 78 -21.13 -4.85 -24.61
C ALA E 78 -19.82 -4.61 -25.40
N ALA E 79 -19.91 -3.97 -26.56
CA ALA E 79 -18.73 -3.70 -27.39
C ALA E 79 -17.79 -2.75 -26.68
N LEU E 80 -18.35 -1.81 -25.91
CA LEU E 80 -17.57 -0.94 -25.03
C LEU E 80 -16.87 -1.72 -23.91
N GLY E 81 -17.31 -2.95 -23.68
CA GLY E 81 -16.67 -3.82 -22.71
C GLY E 81 -15.22 -4.05 -23.08
N LYS E 82 -14.97 -4.21 -24.38
CA LYS E 82 -13.63 -4.49 -24.87
C LYS E 82 -12.91 -3.18 -25.15
N ASP E 83 -12.93 -2.28 -24.17
CA ASP E 83 -12.33 -0.98 -24.31
C ASP E 83 -11.76 -0.55 -22.96
N LYS E 84 -10.44 -0.47 -22.86
CA LYS E 84 -9.81 -0.10 -21.59
C LYS E 84 -10.10 1.35 -21.21
N GLU E 85 -10.31 2.15 -22.24
CA GLU E 85 -10.67 3.55 -22.12
C GLU E 85 -12.13 3.74 -21.65
N ILE E 86 -12.88 2.64 -21.50
CA ILE E 86 -14.24 2.69 -20.92
C ILE E 86 -14.27 1.96 -19.58
N ASN E 87 -14.71 2.66 -18.55
CA ASN E 87 -14.83 2.09 -17.22
C ASN E 87 -15.90 1.00 -17.22
N TRP E 88 -15.47 -0.25 -17.24
CA TRP E 88 -16.39 -1.40 -17.24
C TRP E 88 -17.44 -1.37 -16.12
N PHE E 89 -17.14 -0.71 -15.03
CA PHE E 89 -18.05 -0.65 -13.89
C PHE E 89 -19.22 0.34 -14.08
N ASP E 90 -19.24 1.03 -15.22
CA ASP E 90 -20.32 1.93 -15.59
C ASP E 90 -21.27 1.35 -16.61
N ILE E 91 -21.02 0.11 -17.03
CA ILE E 91 -21.77 -0.49 -18.12
C ILE E 91 -23.13 -0.98 -17.64
N SER E 92 -23.15 -1.60 -16.46
CA SER E 92 -24.42 -1.99 -15.84
C SER E 92 -25.43 -0.87 -15.91
N GLN E 93 -24.99 0.32 -15.54
CA GLN E 93 -25.84 1.49 -15.43
C GLN E 93 -26.50 1.77 -16.76
N SER E 94 -25.78 1.53 -17.85
CA SER E 94 -26.38 1.69 -19.18
C SER E 94 -27.48 0.65 -19.44
N LEU E 95 -27.23 -0.61 -19.10
CA LEU E 95 -28.24 -1.64 -19.26
C LEU E 95 -29.50 -1.18 -18.52
N TRP E 96 -29.31 -0.72 -17.29
CA TRP E 96 -30.41 -0.25 -16.48
C TRP E 96 -31.13 0.92 -17.15
N ASP E 97 -30.40 1.95 -17.50
CA ASP E 97 -31.00 3.08 -18.19
C ASP E 97 -31.85 2.68 -19.43
N VAL E 98 -31.33 1.79 -20.28
CA VAL E 98 -32.10 1.37 -21.46
C VAL E 98 -33.32 0.52 -21.09
N GLN E 99 -33.30 -0.14 -19.93
CA GLN E 99 -34.49 -0.85 -19.50
C GLN E 99 -35.53 0.15 -19.08
N LYS E 100 -35.11 1.26 -18.50
CA LYS E 100 -36.05 2.27 -18.02
C LYS E 100 -36.73 3.00 -19.18
N LEU E 101 -35.97 3.27 -20.24
CA LEU E 101 -36.50 3.83 -21.48
C LEU E 101 -37.47 2.88 -22.19
N THR E 102 -37.14 1.59 -22.15
CA THR E 102 -37.98 0.56 -22.76
C THR E 102 -39.26 0.51 -22.00
N ASP E 103 -39.15 0.44 -20.69
CA ASP E 103 -40.34 0.43 -19.86
C ASP E 103 -41.22 1.62 -20.25
N ALA E 104 -40.61 2.78 -20.38
CA ALA E 104 -41.33 4.01 -20.74
C ALA E 104 -41.98 3.91 -22.10
N ALA E 105 -41.20 3.51 -23.09
CA ALA E 105 -41.66 3.37 -24.48
C ALA E 105 -42.82 2.40 -24.61
N ILE E 106 -42.66 1.20 -24.07
CA ILE E 106 -43.74 0.22 -24.07
C ILE E 106 -44.99 0.82 -23.40
N LYS E 107 -44.82 1.41 -22.21
CA LYS E 107 -45.95 1.95 -21.48
C LYS E 107 -46.71 3.00 -22.30
N LYS E 108 -45.96 3.86 -22.98
CA LYS E 108 -46.56 4.86 -23.87
C LYS E 108 -47.29 4.21 -25.08
N ILE E 109 -46.74 3.14 -25.63
CA ILE E 109 -47.50 2.30 -26.61
C ILE E 109 -48.80 1.66 -26.01
N GLU E 110 -48.69 1.09 -24.81
CA GLU E 110 -49.87 0.54 -24.15
C GLU E 110 -50.93 1.63 -23.95
N ALA E 111 -50.50 2.86 -23.74
CA ALA E 111 -51.44 3.95 -23.43
C ALA E 111 -52.15 4.35 -24.68
N ALA E 112 -51.37 4.49 -25.75
CA ALA E 112 -51.85 4.92 -27.07
C ALA E 112 -52.81 3.90 -27.67
N LEU E 113 -52.48 2.63 -27.48
CA LEU E 113 -53.39 1.56 -27.83
C LEU E 113 -54.69 1.66 -27.03
N ALA E 114 -54.56 1.72 -25.70
CA ALA E 114 -55.70 1.67 -24.79
C ALA E 114 -56.68 2.78 -25.11
N ASP E 115 -56.10 3.93 -25.38
CA ASP E 115 -56.80 5.14 -25.81
C ASP E 115 -57.58 4.91 -27.10
N MET E 116 -56.95 4.19 -28.03
CA MET E 116 -57.54 3.92 -29.33
C MET E 116 -58.64 2.88 -29.25
N GLU E 117 -58.39 1.78 -28.55
CA GLU E 117 -59.41 0.75 -28.39
C GLU E 117 -60.70 1.32 -27.80
N ALA E 118 -60.53 2.26 -26.86
CA ALA E 118 -61.68 2.98 -26.27
C ALA E 118 -62.49 3.65 -27.36
N TRP E 119 -61.79 4.30 -28.28
CA TRP E 119 -62.40 5.01 -29.40
C TRP E 119 -63.16 4.07 -30.36
N LEU E 120 -62.57 2.92 -30.69
CA LEU E 120 -63.17 1.94 -31.60
C LEU E 120 -64.45 1.30 -31.05
N THR E 121 -64.48 1.12 -29.73
CA THR E 121 -65.60 0.44 -29.07
C THR E 121 -66.61 1.45 -28.52
N GLN E 122 -66.14 2.66 -28.23
CA GLN E 122 -67.03 3.77 -27.86
C GLN E 122 -67.75 4.31 -29.10
N ASP F 11 23.62 24.26 8.11
CA ASP F 11 23.70 25.46 9.00
C ASP F 11 24.22 25.11 10.41
N ILE F 12 23.65 24.07 11.02
CA ILE F 12 24.10 23.57 12.33
C ILE F 12 25.60 23.24 12.30
N ARG F 13 26.14 23.09 11.10
CA ARG F 13 27.56 22.79 10.84
C ARG F 13 28.54 23.84 11.36
N LYS F 14 28.29 25.11 11.03
CA LYS F 14 29.33 26.15 11.21
C LYS F 14 29.64 26.37 12.68
N ASP F 15 28.74 25.93 13.55
CA ASP F 15 28.98 25.94 15.00
C ASP F 15 30.06 24.93 15.34
N ALA F 16 30.19 23.90 14.51
CA ALA F 16 31.35 23.05 14.59
C ALA F 16 32.52 23.89 14.12
N GLU F 17 32.36 24.49 12.94
CA GLU F 17 33.48 25.18 12.28
C GLU F 17 34.03 26.36 13.07
N VAL F 18 33.16 27.29 13.47
CA VAL F 18 33.63 28.47 14.19
C VAL F 18 34.38 28.08 15.44
N ARG F 19 33.73 27.30 16.30
CA ARG F 19 34.32 26.87 17.55
C ARG F 19 35.56 26.00 17.36
N MET F 20 35.55 25.08 16.37
CA MET F 20 36.75 24.30 16.00
C MET F 20 37.80 25.22 15.39
N ASP F 21 37.40 25.88 14.30
CA ASP F 21 38.26 26.68 13.46
C ASP F 21 38.98 27.80 14.23
N LYS F 22 38.26 28.51 15.10
CA LYS F 22 38.84 29.61 15.87
C LYS F 22 39.79 29.10 16.96
N ALA F 23 39.61 27.85 17.36
CA ALA F 23 40.50 27.20 18.34
C ALA F 23 41.90 26.96 17.78
N VAL F 24 41.99 26.58 16.50
CA VAL F 24 43.28 26.31 15.85
C VAL F 24 44.05 27.59 15.55
N GLU F 25 43.34 28.65 15.16
CA GLU F 25 43.94 29.98 15.01
C GLU F 25 44.45 30.51 16.33
N ALA F 26 43.67 30.32 17.39
CA ALA F 26 44.07 30.74 18.75
C ALA F 26 45.35 30.03 19.21
N PHE F 27 45.66 28.89 18.59
CA PHE F 27 46.94 28.22 18.80
C PHE F 27 48.05 28.85 17.94
N LYS F 28 47.80 28.96 16.64
CA LYS F 28 48.78 29.58 15.71
C LYS F 28 49.13 30.97 16.19
N ASN F 29 48.09 31.73 16.52
CA ASN F 29 48.18 32.97 17.28
C ASN F 29 49.24 32.91 18.39
N LYS F 30 49.05 32.02 19.36
CA LYS F 30 49.94 31.90 20.53
C LYS F 30 51.34 31.37 20.18
N LEU F 31 51.45 30.54 19.14
CA LEU F 31 52.76 30.04 18.69
C LEU F 31 53.59 31.14 18.02
N ASP F 32 52.94 31.97 17.21
CA ASP F 32 53.60 33.13 16.61
C ASP F 32 54.18 34.03 17.71
N LYS F 33 53.32 34.39 18.67
CA LYS F 33 53.70 35.16 19.85
C LYS F 33 54.95 34.60 20.51
N PHE F 34 55.06 33.28 20.54
CA PHE F 34 56.19 32.60 21.19
C PHE F 34 57.45 32.69 20.31
N LYS F 35 57.31 32.30 19.04
CA LYS F 35 58.43 32.29 18.07
C LYS F 35 59.30 33.56 18.07
N ALA F 36 58.73 34.72 18.38
CA ALA F 36 59.52 35.97 18.42
C ALA F 36 59.86 36.41 19.87
N ALA F 37 59.24 35.80 20.86
CA ALA F 37 59.61 36.02 22.27
C ALA F 37 60.81 35.15 22.64
N VAL F 38 60.76 33.87 22.26
CA VAL F 38 61.89 32.95 22.44
C VAL F 38 63.10 33.33 21.56
N ARG F 39 62.82 34.01 20.46
CA ARG F 39 63.83 34.42 19.49
C ARG F 39 64.89 35.36 20.08
N LYS F 40 64.49 36.19 21.04
CA LYS F 40 65.38 37.18 21.67
C LYS F 40 66.03 36.66 22.97
N VAL F 41 66.08 35.34 23.11
CA VAL F 41 66.60 34.68 24.32
C VAL F 41 67.52 33.52 23.92
N PHE F 42 68.69 33.43 24.55
CA PHE F 42 69.65 32.38 24.20
C PHE F 42 69.11 31.02 24.58
N PRO F 43 69.28 30.01 23.71
CA PRO F 43 68.80 28.68 24.06
C PRO F 43 69.61 28.07 25.19
N THR F 44 68.99 27.23 25.99
CA THR F 44 69.68 26.56 27.08
C THR F 44 69.02 25.22 27.28
N GLU F 45 69.79 24.26 27.77
CA GLU F 45 69.25 22.93 28.03
C GLU F 45 67.98 23.03 28.88
N GLU F 46 68.06 23.77 29.99
CA GLU F 46 66.90 24.00 30.86
C GLU F 46 65.80 24.86 30.23
N ARG F 47 66.19 25.85 29.44
CA ARG F 47 65.23 26.77 28.83
C ARG F 47 64.41 26.05 27.76
N ILE F 48 65.09 25.16 27.01
CA ILE F 48 64.44 24.39 25.96
C ILE F 48 63.34 23.50 26.55
N LYS F 49 63.69 22.71 27.56
CA LYS F 49 62.72 21.86 28.27
C LYS F 49 61.49 22.67 28.61
N ASP F 50 61.71 23.80 29.28
CA ASP F 50 60.66 24.73 29.66
C ASP F 50 59.80 25.16 28.46
N TRP F 51 60.45 25.54 27.36
CA TRP F 51 59.69 25.99 26.18
C TRP F 51 58.79 24.88 25.61
N LEU F 52 59.34 23.69 25.40
CA LEU F 52 58.55 22.54 24.94
C LEU F 52 57.39 22.25 25.90
N LYS F 53 57.64 22.36 27.19
CA LYS F 53 56.60 22.14 28.20
C LYS F 53 55.51 23.20 28.12
N ILE F 54 55.89 24.45 27.84
CA ILE F 54 54.92 25.51 27.61
C ILE F 54 54.09 25.22 26.36
N VAL F 55 54.77 24.85 25.28
CA VAL F 55 54.12 24.67 23.97
C VAL F 55 53.17 23.46 23.96
N ARG F 56 53.59 22.38 24.60
CA ARG F 56 52.79 21.15 24.70
C ARG F 56 51.67 21.29 25.74
N GLY F 57 51.96 22.00 26.84
CA GLY F 57 50.98 22.30 27.87
C GLY F 57 49.83 23.10 27.31
N GLU F 58 50.17 24.13 26.52
CA GLU F 58 49.18 25.01 25.88
C GLU F 58 48.52 24.32 24.71
N ALA F 59 49.17 23.26 24.20
CA ALA F 59 48.58 22.43 23.17
C ALA F 59 47.30 21.79 23.68
N GLU F 60 47.38 20.99 24.75
CA GLU F 60 46.20 20.24 25.20
C GLU F 60 45.14 21.14 25.82
N GLN F 61 45.39 22.44 25.86
CA GLN F 61 44.32 23.38 26.13
C GLN F 61 43.47 23.52 24.86
N ALA F 62 44.12 23.54 23.71
CA ALA F 62 43.44 23.59 22.42
C ALA F 62 42.62 22.32 22.16
N ARG F 63 43.22 21.17 22.44
CA ARG F 63 42.59 19.87 22.23
C ARG F 63 41.39 19.67 23.16
N VAL F 64 41.54 20.11 24.40
CA VAL F 64 40.42 20.15 25.34
C VAL F 64 39.38 21.18 24.87
N ALA F 65 39.85 22.34 24.40
CA ALA F 65 38.97 23.37 23.83
C ALA F 65 38.15 22.86 22.65
N VAL F 66 38.81 22.18 21.71
CA VAL F 66 38.14 21.68 20.52
C VAL F 66 37.10 20.60 20.86
N ARG F 67 37.53 19.62 21.65
CA ARG F 67 36.63 18.58 22.18
C ARG F 67 35.39 19.18 22.86
N ASN F 68 35.62 20.20 23.70
CA ASN F 68 34.53 21.03 24.25
C ASN F 68 33.66 21.64 23.14
N VAL F 69 34.26 22.58 22.42
CA VAL F 69 33.56 23.34 21.37
C VAL F 69 33.01 22.47 20.25
N GLY F 70 33.29 21.17 20.30
CA GLY F 70 32.67 20.20 19.42
C GLY F 70 31.47 19.56 20.11
N ARG F 71 31.67 19.09 21.34
CA ARG F 71 30.62 18.40 22.09
C ARG F 71 29.30 19.18 22.05
N ASN F 74 26.78 17.76 19.19
CA ASN F 74 26.79 16.58 20.06
C ASN F 74 25.70 16.63 21.13
N ASP F 75 25.58 17.80 21.76
CA ASP F 75 24.49 18.07 22.69
C ASP F 75 23.39 18.82 21.94
N LYS F 76 23.80 19.62 20.95
CA LYS F 76 22.87 20.35 20.10
C LYS F 76 22.33 19.48 18.96
N ALA F 77 22.77 18.22 18.91
CA ALA F 77 22.26 17.26 17.94
C ALA F 77 21.03 16.58 18.51
N ALA F 78 21.18 16.01 19.71
CA ALA F 78 20.10 15.31 20.40
C ALA F 78 18.84 16.16 20.60
N ALA F 79 19.04 17.47 20.80
CA ALA F 79 17.93 18.44 20.91
C ALA F 79 17.06 18.45 19.65
N LEU F 80 17.70 18.39 18.50
CA LEU F 80 17.01 18.24 17.20
C LEU F 80 16.20 16.93 17.12
N GLY F 81 16.68 15.90 17.79
CA GLY F 81 16.00 14.61 17.83
C GLY F 81 14.81 14.55 18.77
N LYS F 82 14.64 15.61 19.55
CA LYS F 82 13.43 15.81 20.35
C LYS F 82 12.30 16.45 19.54
N ASP F 83 12.59 16.91 18.32
CA ASP F 83 11.62 17.60 17.47
C ASP F 83 11.01 16.69 16.41
N LYS F 84 9.85 17.11 15.91
CA LYS F 84 9.22 16.53 14.73
C LYS F 84 9.76 17.18 13.46
N GLU F 85 10.55 18.24 13.63
CA GLU F 85 11.26 18.92 12.54
C GLU F 85 12.26 17.99 11.86
N ILE F 86 13.31 17.61 12.58
CA ILE F 86 14.37 16.77 12.02
C ILE F 86 13.91 15.32 11.81
N ASN F 87 14.50 14.68 10.80
CA ASN F 87 14.32 13.25 10.56
C ASN F 87 15.37 12.49 11.34
N TRP F 88 14.93 11.63 12.26
CA TRP F 88 15.82 10.89 13.17
C TRP F 88 17.00 10.16 12.50
N PHE F 89 16.77 9.60 11.31
CA PHE F 89 17.79 8.81 10.60
C PHE F 89 19.01 9.65 10.14
N ASP F 90 18.89 10.98 10.25
CA ASP F 90 19.95 11.92 9.87
C ASP F 90 20.84 12.36 11.04
N ILE F 91 20.52 11.91 12.26
CA ILE F 91 21.24 12.36 13.45
C ILE F 91 22.56 11.60 13.64
N SER F 92 22.56 10.32 13.27
CA SER F 92 23.78 9.51 13.20
C SER F 92 24.91 10.27 12.48
N GLN F 93 24.50 11.01 11.45
CA GLN F 93 25.39 11.73 10.53
C GLN F 93 25.99 12.98 11.17
N SER F 94 25.16 13.78 11.84
CA SER F 94 25.66 14.96 12.58
C SER F 94 26.81 14.55 13.51
N LEU F 95 26.58 13.50 14.29
CA LEU F 95 27.59 12.91 15.18
C LEU F 95 28.90 12.51 14.46
N TRP F 96 28.80 12.10 13.20
CA TRP F 96 29.97 11.72 12.41
C TRP F 96 30.69 12.93 11.75
N ASP F 97 29.94 13.88 11.20
CA ASP F 97 30.52 15.11 10.67
C ASP F 97 31.21 15.97 11.73
N VAL F 98 30.64 16.00 12.93
CA VAL F 98 31.27 16.66 14.06
C VAL F 98 32.62 16.00 14.34
N GLN F 99 32.67 14.69 14.16
CA GLN F 99 33.90 13.95 14.44
C GLN F 99 34.94 14.16 13.35
N LYS F 100 34.47 14.46 12.13
CA LYS F 100 35.38 14.79 11.02
C LYS F 100 35.96 16.19 11.16
N LEU F 101 35.22 17.10 11.79
CA LEU F 101 35.73 18.42 12.13
C LEU F 101 36.72 18.33 13.27
N THR F 102 36.37 17.59 14.34
CA THR F 102 37.29 17.30 15.44
C THR F 102 38.61 16.75 14.92
N ASP F 103 38.52 15.76 14.03
CA ASP F 103 39.70 15.14 13.45
C ASP F 103 40.55 16.14 12.68
N ALA F 104 39.91 16.99 11.89
CA ALA F 104 40.62 18.02 11.14
C ALA F 104 41.22 19.05 12.09
N ALA F 105 40.41 19.51 13.04
CA ALA F 105 40.83 20.53 14.01
C ALA F 105 42.12 20.11 14.70
N ILE F 106 42.13 18.89 15.22
CA ILE F 106 43.27 18.41 16.01
C ILE F 106 44.50 18.20 15.14
N LYS F 107 44.35 17.51 14.03
CA LYS F 107 45.47 17.28 13.12
C LYS F 107 46.11 18.61 12.66
N LYS F 108 45.31 19.66 12.56
CA LYS F 108 45.84 21.02 12.25
C LYS F 108 46.68 21.56 13.42
N ILE F 109 46.16 21.41 14.64
CA ILE F 109 46.90 21.77 15.85
C ILE F 109 48.20 20.98 15.94
N GLU F 110 48.04 19.67 15.83
CA GLU F 110 49.16 18.74 15.95
C GLU F 110 50.32 19.14 15.05
N ALA F 111 50.01 19.41 13.78
CA ALA F 111 51.03 19.82 12.81
C ALA F 111 51.68 21.10 13.27
N ALA F 112 50.84 21.99 13.78
CA ALA F 112 51.30 23.26 14.31
C ALA F 112 52.28 23.05 15.50
N LEU F 113 51.93 22.19 16.44
CA LEU F 113 52.84 21.88 17.55
C LEU F 113 54.12 21.30 16.99
N ALA F 114 53.98 20.36 16.06
CA ALA F 114 55.11 19.68 15.45
C ALA F 114 56.10 20.66 14.81
N ASP F 115 55.60 21.56 13.97
CA ASP F 115 56.43 22.62 13.37
C ASP F 115 57.19 23.37 14.46
N MET F 116 56.49 23.74 15.52
CA MET F 116 57.10 24.50 16.60
C MET F 116 58.15 23.67 17.33
N GLU F 117 57.84 22.42 17.65
CA GLU F 117 58.81 21.59 18.37
C GLU F 117 60.10 21.45 17.58
N ALA F 118 59.98 21.36 16.26
CA ALA F 118 61.14 21.35 15.37
C ALA F 118 61.92 22.63 15.55
N TRP F 119 61.27 23.76 15.35
CA TRP F 119 61.92 25.08 15.46
C TRP F 119 62.73 25.22 16.76
N LEU F 120 62.07 24.89 17.87
CA LEU F 120 62.63 24.97 19.22
C LEU F 120 63.93 24.20 19.46
N THR F 121 64.09 23.09 18.76
CA THR F 121 65.03 22.04 19.16
C THR F 121 66.13 21.73 18.13
N GLN F 122 66.50 22.70 17.30
CA GLN F 122 67.52 22.46 16.25
C GLN F 122 68.78 23.31 16.43
C1 EDO G . 25.21 -10.77 -2.88
O1 EDO G . 25.50 -9.65 -3.72
C2 EDO G . 24.40 -10.30 -1.68
O2 EDO G . 23.06 -10.02 -2.08
#